data_8V51
#
_entry.id   8V51
#
_cell.length_a   149.269
_cell.length_b   46.155
_cell.length_c   161.964
_cell.angle_alpha   90.000
_cell.angle_beta   101.402
_cell.angle_gamma   90.000
#
_symmetry.space_group_name_H-M   'I 1 2 1'
#
loop_
_entity.id
_entity.type
_entity.pdbx_description
1 polymer HLA-B35
2 polymer Beta-2-microglobulin
3 polymer LEU-PRO-PHE-GLU-LYS-SER-THR-VAL-MET
4 polymer 'D1 TCR alpha chain'
5 polymer 'D1 TCR beta chain'
6 non-polymer 1,2-ETHANEDIOL
7 non-polymer 'SODIUM ION'
8 non-polymer 'PHOSPHATE ION'
9 water water
#
loop_
_entity_poly.entity_id
_entity_poly.type
_entity_poly.pdbx_seq_one_letter_code
_entity_poly.pdbx_strand_id
1 'polypeptide(L)'
;GSHSMRYFYTAMSRPGRGEPRFIAVGYVDDTQFVRFDSDAASPRTEPRAPWIEQEGPEYWDRNTQIFKTNTQTYRESLRN
LRGYYNQSEAGSHIIQRMYGCDLGPDGRLLRGHDQSAYDGKDYIALNEDLSSWTAADTAAQITQRKWEAARVAEQLRAYL
EGLCVEWLRRYLENGKETLQRADPPKTHVTHHPVSDHEATLRCWALGFYPAEITLTWQRDGEDQTQDTELVETRPAGDRT
FQKWAAVVVPSGEEQRYTCHVQHEGLPKPLTLR
;
A
2 'polypeptide(L)'
;IQRTPKIQVYSRHPAENGKSNFLNCYVSGFHPSDIEVDLLKNGERIEKVEHSDLSFSKDWSFYLLYYTEFTPTEADEYAC
RVNHVTLSQPKIVKWDRDM
;
B
3 'polypeptide(L)' LPFEKSTVM C
4 'polypeptide(L)'
;QSLEQPSEVTAVEGAIVQINCTYQTSGFYGLSWYQQHDGGAPTFLSYNALDGLEETGRFSSFLSRSDSYGYLLLQELQMK
DSASYFCAVDTGGFKTIFGAGTRLFVKANIQNPDPAVYQLRDSKSSDKSVCLFTDFDSQTNVSQSKDSDVYITDKCVLDM
RSMDFKSNSAVAWSNKSDFACANAFNNSIIPEDTFFAA
;
D
5 'polypeptide(L)'
;GVSQSPRYKVAKRGQDVALRCDPISGHVSLFWYQQALGQGPEFLTYFQNEAQLDKSGLPSDRFFAERPEGSVSTLKIQRT
QQEDSAVYLCASSPTGGQETQYFGPGTRLLVLEDLKNVFPPEVAVFEPSEAEISHTQKATLVCLATGFYPDHVELSWWVN
GKEVHSGVCTDPQPLKEQPALNDSRYALSSRLRVSATFWQNPRNHFRCQVQFYGLSENDEWTQDRAKPVTQIVSAEAWGR
AD
;
E
#
loop_
_chem_comp.id
_chem_comp.type
_chem_comp.name
_chem_comp.formula
EDO non-polymer 1,2-ETHANEDIOL 'C2 H6 O2'
NA non-polymer 'SODIUM ION' 'Na 1'
PO4 non-polymer 'PHOSPHATE ION' 'O4 P -3'
#
# COMPACT_ATOMS: atom_id res chain seq x y z
N GLY A 1 2.72 6.78 33.69
CA GLY A 1 1.82 7.50 32.80
C GLY A 1 0.37 7.52 33.26
N SER A 2 -0.41 8.47 32.72
CA SER A 2 -1.83 8.63 33.08
C SER A 2 -2.78 7.82 32.17
N HIS A 3 -2.64 7.93 30.83
CA HIS A 3 -3.54 7.24 29.90
C HIS A 3 -2.84 6.50 28.75
N SER A 4 -3.50 5.47 28.21
CA SER A 4 -2.96 4.64 27.12
C SER A 4 -4.03 4.14 26.15
N MET A 5 -3.65 4.00 24.87
CA MET A 5 -4.52 3.42 23.83
C MET A 5 -3.82 2.18 23.32
N ARG A 6 -4.52 1.03 23.29
CA ARG A 6 -3.95 -0.24 22.85
C ARG A 6 -4.89 -1.03 21.95
N TYR A 7 -4.33 -1.69 20.93
CA TYR A 7 -5.08 -2.58 20.03
C TYR A 7 -4.54 -3.99 20.19
N PHE A 8 -5.45 -4.97 20.31
CA PHE A 8 -5.15 -6.38 20.51
C PHE A 8 -5.68 -7.18 19.34
N TYR A 9 -4.78 -7.89 18.64
CA TYR A 9 -5.11 -8.74 17.49
C TYR A 9 -4.86 -10.20 17.81
N THR A 10 -5.74 -11.07 17.30
CA THR A 10 -5.62 -12.53 17.41
C THR A 10 -6.00 -13.10 16.05
N ALA A 11 -5.10 -13.89 15.45
CA ALA A 11 -5.33 -14.56 14.17
C ALA A 11 -5.16 -16.04 14.47
N MET A 12 -6.24 -16.83 14.33
CA MET A 12 -6.25 -18.23 14.70
C MET A 12 -6.70 -19.19 13.60
N SER A 13 -5.84 -20.15 13.22
CA SER A 13 -6.18 -21.18 12.25
C SER A 13 -6.98 -22.28 12.97
N ARG A 14 -7.91 -22.93 12.27
CA ARG A 14 -8.78 -23.95 12.86
C ARG A 14 -9.16 -25.07 11.86
N PRO A 15 -8.27 -26.05 11.61
CA PRO A 15 -8.61 -27.12 10.65
C PRO A 15 -9.90 -27.89 10.97
N GLY A 16 -10.85 -27.79 10.05
CA GLY A 16 -12.16 -28.43 10.16
C GLY A 16 -13.27 -27.53 10.68
N ARG A 17 -12.94 -26.25 10.98
CA ARG A 17 -13.89 -25.27 11.52
C ARG A 17 -14.00 -23.98 10.67
N GLY A 18 -13.47 -24.03 9.45
CA GLY A 18 -13.48 -22.90 8.52
C GLY A 18 -12.14 -22.19 8.39
N GLU A 19 -12.15 -21.03 7.71
CA GLU A 19 -10.97 -20.20 7.45
C GLU A 19 -10.46 -19.54 8.75
N PRO A 20 -9.14 -19.17 8.84
CA PRO A 20 -8.64 -18.53 10.07
C PRO A 20 -9.44 -17.33 10.56
N ARG A 21 -9.68 -17.27 11.88
CA ARG A 21 -10.47 -16.21 12.50
C ARG A 21 -9.59 -15.05 12.95
N PHE A 22 -9.96 -13.82 12.57
CA PHE A 22 -9.26 -12.61 12.98
C PHE A 22 -10.15 -11.77 13.88
N ILE A 23 -9.65 -11.44 15.07
CA ILE A 23 -10.34 -10.60 16.03
C ILE A 23 -9.43 -9.40 16.35
N ALA A 24 -10.00 -8.19 16.30
CA ALA A 24 -9.30 -6.95 16.65
C ALA A 24 -10.11 -6.21 17.71
N VAL A 25 -9.45 -5.82 18.82
CA VAL A 25 -10.08 -5.12 19.94
C VAL A 25 -9.24 -3.89 20.35
N GLY A 26 -9.91 -2.75 20.50
CA GLY A 26 -9.29 -1.50 20.90
C GLY A 26 -9.68 -1.09 22.30
N TYR A 27 -8.71 -0.56 23.06
CA TYR A 27 -8.91 -0.12 24.44
C TYR A 27 -8.29 1.24 24.70
N VAL A 28 -8.96 2.03 25.55
CA VAL A 28 -8.45 3.28 26.10
C VAL A 28 -8.41 2.90 27.58
N ASP A 29 -7.18 2.69 28.11
CA ASP A 29 -6.92 2.18 29.47
C ASP A 29 -7.53 0.77 29.58
N ASP A 30 -8.46 0.55 30.53
CA ASP A 30 -9.12 -0.74 30.73
C ASP A 30 -10.52 -0.79 30.09
N THR A 31 -10.87 0.21 29.26
CA THR A 31 -12.19 0.30 28.61
C THR A 31 -12.14 -0.05 27.12
N GLN A 32 -12.89 -1.09 26.73
CA GLN A 32 -13.04 -1.56 25.35
C GLN A 32 -13.93 -0.57 24.58
N PHE A 33 -13.49 -0.10 23.39
CA PHE A 33 -14.28 0.85 22.62
C PHE A 33 -14.62 0.36 21.20
N VAL A 34 -13.80 -0.55 20.64
CA VAL A 34 -14.02 -1.11 19.30
C VAL A 34 -13.77 -2.62 19.28
N ARG A 35 -14.54 -3.33 18.44
CA ARG A 35 -14.41 -4.77 18.26
C ARG A 35 -14.72 -5.17 16.83
N PHE A 36 -13.85 -6.01 16.25
CA PHE A 36 -14.04 -6.58 14.93
C PHE A 36 -13.87 -8.08 15.03
N ASP A 37 -14.78 -8.83 14.42
CA ASP A 37 -14.73 -10.28 14.40
C ASP A 37 -15.04 -10.76 12.99
N SER A 38 -14.05 -11.39 12.34
CA SER A 38 -14.19 -11.91 10.97
C SER A 38 -15.18 -13.09 10.86
N ASP A 39 -15.57 -13.71 11.98
CA ASP A 39 -16.46 -14.88 12.03
C ASP A 39 -17.91 -14.61 11.59
N ALA A 40 -18.33 -13.32 11.51
CA ALA A 40 -19.67 -12.96 11.04
C ALA A 40 -19.76 -13.15 9.51
N ALA A 41 -21.00 -13.31 8.98
CA ALA A 41 -21.24 -13.49 7.52
C ALA A 41 -20.87 -12.21 6.76
N SER A 42 -21.21 -11.05 7.35
CA SER A 42 -20.89 -9.71 6.83
C SER A 42 -20.20 -8.95 7.99
N PRO A 43 -18.87 -9.16 8.20
CA PRO A 43 -18.21 -8.51 9.35
C PRO A 43 -17.96 -7.01 9.21
N ARG A 44 -18.15 -6.29 10.33
CA ARG A 44 -17.95 -4.84 10.45
C ARG A 44 -17.45 -4.49 11.85
N THR A 45 -16.75 -3.36 11.99
CA THR A 45 -16.29 -2.89 13.30
C THR A 45 -17.52 -2.46 14.10
N GLU A 46 -17.57 -2.81 15.39
CA GLU A 46 -18.68 -2.50 16.28
C GLU A 46 -18.30 -1.50 17.39
N PRO A 47 -19.18 -0.50 17.70
CA PRO A 47 -18.89 0.39 18.84
C PRO A 47 -19.09 -0.37 20.16
N ARG A 48 -18.19 -0.15 21.14
CA ARG A 48 -18.22 -0.85 22.43
C ARG A 48 -18.22 0.09 23.64
N ALA A 49 -18.11 1.41 23.38
CA ALA A 49 -18.12 2.46 24.40
C ALA A 49 -19.08 3.58 23.96
N PRO A 50 -19.81 4.23 24.90
CA PRO A 50 -20.76 5.28 24.49
C PRO A 50 -20.14 6.48 23.78
N TRP A 51 -18.92 6.87 24.19
CA TRP A 51 -18.20 8.01 23.64
C TRP A 51 -17.66 7.81 22.21
N ILE A 52 -17.66 6.56 21.69
CA ILE A 52 -17.18 6.28 20.33
C ILE A 52 -18.33 6.28 19.32
N GLU A 53 -19.58 6.09 19.79
CA GLU A 53 -20.79 6.05 18.96
C GLU A 53 -21.02 7.28 18.09
N GLN A 54 -20.54 8.45 18.55
CA GLN A 54 -20.65 9.74 17.86
C GLN A 54 -19.85 9.81 16.56
N GLU A 55 -18.81 8.95 16.41
CA GLU A 55 -17.96 8.89 15.21
C GLU A 55 -18.78 8.62 13.96
N GLY A 56 -18.49 9.36 12.89
CA GLY A 56 -19.20 9.28 11.63
C GLY A 56 -19.03 7.98 10.87
N PRO A 57 -19.96 7.67 9.92
CA PRO A 57 -19.84 6.43 9.12
C PRO A 57 -18.53 6.25 8.35
N GLU A 58 -17.77 7.36 8.13
CA GLU A 58 -16.47 7.36 7.46
C GLU A 58 -15.42 6.65 8.33
N TYR A 59 -15.41 6.92 9.65
CA TYR A 59 -14.51 6.32 10.65
C TYR A 59 -14.73 4.80 10.68
N TRP A 60 -16.00 4.38 10.69
CA TRP A 60 -16.42 2.98 10.75
C TRP A 60 -16.07 2.19 9.49
N ASP A 61 -16.16 2.80 8.28
N ASP A 61 -16.14 2.81 8.30
CA ASP A 61 -15.79 2.10 7.05
CA ASP A 61 -15.81 2.15 7.03
C ASP A 61 -14.27 1.99 6.91
C ASP A 61 -14.29 2.02 6.87
N ARG A 62 -13.53 2.96 7.48
CA ARG A 62 -12.06 3.02 7.49
C ARG A 62 -11.51 1.95 8.46
N ASN A 63 -12.22 1.70 9.58
CA ASN A 63 -11.88 0.68 10.56
C ASN A 63 -12.14 -0.69 9.95
N THR A 64 -13.34 -0.87 9.35
CA THR A 64 -13.79 -2.10 8.68
C THR A 64 -12.83 -2.49 7.54
N GLN A 65 -12.30 -1.49 6.80
CA GLN A 65 -11.36 -1.73 5.70
C GLN A 65 -10.03 -2.33 6.17
N ILE A 66 -9.36 -1.71 7.17
CA ILE A 66 -8.07 -2.23 7.67
C ILE A 66 -8.24 -3.57 8.38
N PHE A 67 -9.39 -3.81 9.03
CA PHE A 67 -9.62 -5.07 9.72
C PHE A 67 -9.95 -6.20 8.73
N LYS A 68 -10.61 -5.87 7.60
CA LYS A 68 -10.90 -6.81 6.50
C LYS A 68 -9.57 -7.17 5.82
N THR A 69 -8.69 -6.17 5.61
CA THR A 69 -7.35 -6.34 5.03
C THR A 69 -6.50 -7.22 5.95
N ASN A 70 -6.52 -6.94 7.28
CA ASN A 70 -5.78 -7.70 8.28
C ASN A 70 -6.21 -9.16 8.36
N THR A 71 -7.52 -9.45 8.15
CA THR A 71 -8.06 -10.82 8.11
C THR A 71 -7.32 -11.59 7.04
N GLN A 72 -7.22 -11.02 5.82
CA GLN A 72 -6.52 -11.61 4.68
C GLN A 72 -5.01 -11.68 4.91
N THR A 73 -4.41 -10.60 5.45
CA THR A 73 -2.97 -10.53 5.73
C THR A 73 -2.55 -11.64 6.71
N TYR A 74 -3.28 -11.75 7.84
CA TYR A 74 -2.97 -12.72 8.89
C TYR A 74 -3.22 -14.18 8.47
N ARG A 75 -4.13 -14.41 7.50
CA ARG A 75 -4.40 -15.73 6.91
C ARG A 75 -3.13 -16.19 6.20
N GLU A 76 -2.54 -15.30 5.40
CA GLU A 76 -1.31 -15.54 4.65
C GLU A 76 -0.11 -15.68 5.61
N SER A 77 -0.08 -14.85 6.67
CA SER A 77 0.97 -14.87 7.70
C SER A 77 0.99 -16.20 8.46
N LEU A 78 -0.20 -16.79 8.78
CA LEU A 78 -0.30 -18.08 9.47
C LEU A 78 0.27 -19.19 8.58
N ARG A 79 -0.02 -19.10 7.27
CA ARG A 79 0.43 -20.02 6.22
C ARG A 79 1.97 -19.94 6.09
N ASN A 80 2.53 -18.71 6.07
CA ASN A 80 3.97 -18.47 5.99
C ASN A 80 4.72 -18.94 7.24
N LEU A 81 4.14 -18.71 8.43
CA LEU A 81 4.77 -19.14 9.69
C LEU A 81 4.76 -20.67 9.83
N ARG A 82 3.72 -21.34 9.31
CA ARG A 82 3.62 -22.80 9.28
C ARG A 82 4.82 -23.33 8.47
N GLY A 83 5.10 -22.69 7.34
CA GLY A 83 6.20 -23.00 6.44
C GLY A 83 7.58 -22.80 7.05
N TYR A 84 7.80 -21.66 7.77
CA TYR A 84 9.07 -21.36 8.43
C TYR A 84 9.44 -22.42 9.47
N TYR A 85 8.43 -22.92 10.23
CA TYR A 85 8.61 -23.91 11.28
C TYR A 85 8.46 -25.37 10.83
N ASN A 86 8.21 -25.60 9.52
CA ASN A 86 7.99 -26.92 8.90
C ASN A 86 6.83 -27.67 9.56
N GLN A 87 5.73 -26.95 9.86
CA GLN A 87 4.51 -27.48 10.47
C GLN A 87 3.51 -27.77 9.35
N SER A 88 2.79 -28.90 9.46
CA SER A 88 1.79 -29.29 8.46
C SER A 88 0.46 -28.52 8.67
N GLU A 89 -0.49 -28.70 7.76
CA GLU A 89 -1.82 -28.07 7.81
C GLU A 89 -2.70 -28.64 8.94
N ALA A 90 -2.24 -29.71 9.62
CA ALA A 90 -2.98 -30.42 10.67
C ALA A 90 -3.34 -29.60 11.93
N GLY A 91 -2.37 -28.93 12.53
CA GLY A 91 -2.58 -28.20 13.79
C GLY A 91 -3.17 -26.81 13.72
N SER A 92 -3.64 -26.33 14.88
CA SER A 92 -4.21 -25.00 15.06
C SER A 92 -3.11 -24.10 15.62
N HIS A 93 -2.91 -22.93 15.00
CA HIS A 93 -1.89 -21.98 15.42
C HIS A 93 -2.46 -20.58 15.62
N ILE A 94 -1.83 -19.79 16.50
CA ILE A 94 -2.29 -18.45 16.87
C ILE A 94 -1.18 -17.41 16.75
N ILE A 95 -1.48 -16.29 16.08
CA ILE A 95 -0.62 -15.12 16.02
C ILE A 95 -1.34 -14.08 16.87
N GLN A 96 -0.62 -13.46 17.80
CA GLN A 96 -1.15 -12.41 18.66
C GLN A 96 -0.32 -11.16 18.47
N ARG A 97 -0.98 -10.01 18.52
CA ARG A 97 -0.30 -8.73 18.37
C ARG A 97 -0.90 -7.71 19.30
N MET A 98 -0.05 -6.91 19.92
CA MET A 98 -0.46 -5.84 20.80
C MET A 98 0.42 -4.64 20.51
N TYR A 99 -0.21 -3.50 20.22
CA TYR A 99 0.50 -2.25 19.95
C TYR A 99 -0.29 -1.08 20.54
N GLY A 100 0.40 0.04 20.74
CA GLY A 100 -0.25 1.23 21.28
C GLY A 100 0.69 2.32 21.74
N CYS A 101 0.09 3.41 22.25
CA CYS A 101 0.79 4.60 22.73
C CYS A 101 0.40 4.89 24.18
N ASP A 102 1.40 5.19 25.00
CA ASP A 102 1.26 5.54 26.41
C ASP A 102 1.56 7.01 26.59
N LEU A 103 0.60 7.73 27.18
CA LEU A 103 0.72 9.16 27.46
C LEU A 103 1.00 9.38 28.95
N GLY A 104 1.93 10.28 29.24
CA GLY A 104 2.30 10.62 30.61
C GLY A 104 1.25 11.46 31.32
N PRO A 105 1.48 11.87 32.60
CA PRO A 105 0.49 12.72 33.29
C PRO A 105 0.29 14.08 32.63
N ASP A 106 1.33 14.54 31.90
CA ASP A 106 1.37 15.78 31.11
C ASP A 106 0.53 15.67 29.82
N GLY A 107 0.19 14.43 29.43
CA GLY A 107 -0.59 14.15 28.24
C GLY A 107 0.25 14.05 26.97
N ARG A 108 1.58 13.90 27.12
CA ARG A 108 2.53 13.77 26.02
C ARG A 108 2.97 12.30 25.89
N LEU A 109 3.47 11.90 24.70
CA LEU A 109 3.92 10.53 24.47
C LEU A 109 5.10 10.13 25.35
N LEU A 110 4.87 9.12 26.19
CA LEU A 110 5.87 8.54 27.09
C LEU A 110 6.50 7.33 26.39
N ARG A 111 5.66 6.44 25.82
CA ARG A 111 6.13 5.23 25.16
C ARG A 111 5.21 4.74 24.06
N GLY A 112 5.80 4.46 22.90
CA GLY A 112 5.14 3.84 21.77
C GLY A 112 5.64 2.40 21.75
N HIS A 113 4.76 1.42 21.50
CA HIS A 113 5.19 0.01 21.52
C HIS A 113 4.40 -0.90 20.58
N ASP A 114 5.02 -2.04 20.21
CA ASP A 114 4.44 -3.05 19.33
C ASP A 114 5.13 -4.39 19.54
N GLN A 115 4.33 -5.44 19.77
CA GLN A 115 4.85 -6.78 20.02
C GLN A 115 3.97 -7.81 19.34
N SER A 116 4.59 -8.84 18.73
CA SER A 116 3.89 -9.93 18.09
C SER A 116 4.35 -11.27 18.67
N ALA A 117 3.42 -12.23 18.77
CA ALA A 117 3.71 -13.56 19.29
C ALA A 117 3.17 -14.67 18.39
N TYR A 118 3.77 -15.86 18.46
CA TYR A 118 3.31 -17.03 17.73
C TYR A 118 3.19 -18.18 18.71
N ASP A 119 1.95 -18.72 18.84
CA ASP A 119 1.57 -19.80 19.76
C ASP A 119 1.92 -19.45 21.24
N GLY A 120 1.64 -18.19 21.61
CA GLY A 120 1.84 -17.65 22.95
C GLY A 120 3.28 -17.35 23.33
N LYS A 121 4.17 -17.27 22.35
CA LYS A 121 5.60 -17.01 22.57
C LYS A 121 6.05 -15.83 21.71
N ASP A 122 6.84 -14.89 22.31
CA ASP A 122 7.43 -13.71 21.65
C ASP A 122 7.99 -14.07 20.28
N TYR A 123 7.62 -13.30 19.26
CA TYR A 123 8.05 -13.55 17.88
C TYR A 123 8.86 -12.37 17.36
N ILE A 124 8.22 -11.21 17.15
CA ILE A 124 8.89 -9.99 16.71
C ILE A 124 8.35 -8.78 17.47
N ALA A 125 9.25 -7.93 17.97
CA ALA A 125 8.85 -6.75 18.73
C ALA A 125 9.62 -5.55 18.26
N LEU A 126 8.96 -4.39 18.22
CA LEU A 126 9.59 -3.13 17.86
C LEU A 126 10.46 -2.70 19.06
N ASN A 127 11.67 -2.19 18.80
CA ASN A 127 12.57 -1.75 19.87
C ASN A 127 12.17 -0.38 20.42
N GLU A 128 12.70 -0.01 21.59
CA GLU A 128 12.44 1.27 22.28
C GLU A 128 12.76 2.49 21.42
N ASP A 129 13.74 2.37 20.50
CA ASP A 129 14.13 3.43 19.58
C ASP A 129 13.07 3.64 18.47
N LEU A 130 12.12 2.67 18.31
CA LEU A 130 11.04 2.65 17.32
C LEU A 130 11.58 2.67 15.88
N SER A 131 12.81 2.18 15.70
CA SER A 131 13.52 2.19 14.42
C SER A 131 13.99 0.81 13.98
N SER A 132 14.03 -0.16 14.92
CA SER A 132 14.50 -1.52 14.66
C SER A 132 13.65 -2.58 15.36
N TRP A 133 13.87 -3.85 14.97
CA TRP A 133 13.13 -4.99 15.48
C TRP A 133 14.00 -5.96 16.26
N THR A 134 13.39 -6.66 17.23
CA THR A 134 14.01 -7.76 17.98
C THR A 134 13.22 -9.00 17.56
N ALA A 135 13.85 -9.86 16.76
CA ALA A 135 13.29 -11.12 16.28
C ALA A 135 13.76 -12.21 17.23
N ALA A 136 12.81 -12.94 17.84
CA ALA A 136 13.09 -13.99 18.83
C ALA A 136 13.80 -15.23 18.28
N ASP A 137 13.57 -15.57 17.00
CA ASP A 137 14.17 -16.74 16.37
C ASP A 137 14.49 -16.51 14.89
N THR A 138 14.97 -17.57 14.20
CA THR A 138 15.35 -17.56 12.78
C THR A 138 14.13 -17.34 11.86
N ALA A 139 12.94 -17.85 12.25
CA ALA A 139 11.70 -17.68 11.51
C ALA A 139 11.27 -16.20 11.52
N ALA A 140 11.40 -15.55 12.70
CA ALA A 140 11.08 -14.13 12.90
C ALA A 140 12.05 -13.20 12.18
N GLN A 141 13.25 -13.70 11.83
CA GLN A 141 14.29 -12.97 11.08
C GLN A 141 13.84 -12.82 9.62
N ILE A 142 13.09 -13.82 9.10
CA ILE A 142 12.53 -13.82 7.74
C ILE A 142 11.40 -12.77 7.69
N THR A 143 10.57 -12.68 8.75
CA THR A 143 9.50 -11.68 8.90
C THR A 143 10.14 -10.28 8.96
N GLN A 144 11.24 -10.14 9.73
CA GLN A 144 11.97 -8.87 9.90
C GLN A 144 12.44 -8.31 8.55
N ARG A 145 13.05 -9.16 7.70
CA ARG A 145 13.52 -8.79 6.37
C ARG A 145 12.36 -8.31 5.49
N LYS A 146 11.19 -8.98 5.56
CA LYS A 146 9.99 -8.56 4.81
C LYS A 146 9.52 -7.19 5.32
N TRP A 147 9.46 -7.02 6.65
CA TRP A 147 8.99 -5.81 7.31
C TRP A 147 9.94 -4.60 7.12
N GLU A 148 11.25 -4.87 6.92
CA GLU A 148 12.24 -3.84 6.65
C GLU A 148 12.06 -3.32 5.23
N ALA A 149 11.86 -4.23 4.25
CA ALA A 149 11.62 -3.85 2.85
C ALA A 149 10.30 -3.07 2.68
N ALA A 150 9.29 -3.39 3.50
CA ALA A 150 7.97 -2.77 3.49
C ALA A 150 7.92 -1.41 4.19
N ARG A 151 9.00 -1.04 4.92
CA ARG A 151 9.15 0.20 5.70
C ARG A 151 8.17 0.25 6.87
N VAL A 152 7.90 -0.92 7.50
CA VAL A 152 6.96 -1.05 8.62
C VAL A 152 7.37 -0.17 9.81
N ALA A 153 8.63 -0.27 10.29
CA ALA A 153 9.14 0.50 11.44
C ALA A 153 9.00 2.02 11.29
N GLU A 154 9.25 2.56 10.08
CA GLU A 154 9.14 4.00 9.80
C GLU A 154 7.69 4.46 9.87
N GLN A 155 6.79 3.68 9.26
CA GLN A 155 5.36 4.00 9.24
C GLN A 155 4.68 3.72 10.57
N LEU A 156 5.22 2.77 11.35
CA LEU A 156 4.70 2.45 12.67
C LEU A 156 5.12 3.53 13.68
N ARG A 157 6.39 3.99 13.64
CA ARG A 157 6.91 5.05 14.52
C ARG A 157 6.10 6.34 14.31
N ALA A 158 5.87 6.73 13.05
CA ALA A 158 5.11 7.91 12.66
C ALA A 158 3.67 7.83 13.16
N TYR A 159 3.05 6.63 13.08
CA TYR A 159 1.69 6.40 13.60
C TYR A 159 1.68 6.52 15.13
N LEU A 160 2.61 5.82 15.83
CA LEU A 160 2.69 5.81 17.30
C LEU A 160 2.91 7.20 17.92
N GLU A 161 3.72 8.03 17.24
CA GLU A 161 4.05 9.39 17.68
C GLU A 161 3.02 10.44 17.22
N GLY A 162 2.35 10.18 16.11
CA GLY A 162 1.36 11.09 15.51
C GLY A 162 -0.09 10.71 15.74
N LEU A 163 -0.68 9.95 14.80
CA LEU A 163 -2.09 9.53 14.81
C LEU A 163 -2.54 8.80 16.09
N CYS A 164 -1.68 7.94 16.68
CA CYS A 164 -2.02 7.21 17.92
C CYS A 164 -2.29 8.17 19.08
N VAL A 165 -1.38 9.14 19.28
CA VAL A 165 -1.43 10.17 20.32
C VAL A 165 -2.64 11.11 20.07
N GLU A 166 -2.79 11.58 18.82
CA GLU A 166 -3.85 12.47 18.33
C GLU A 166 -5.25 11.90 18.60
N TRP A 167 -5.49 10.63 18.21
CA TRP A 167 -6.78 9.99 18.37
C TRP A 167 -7.09 9.61 19.80
N LEU A 168 -6.07 9.22 20.60
CA LEU A 168 -6.24 8.91 22.02
C LEU A 168 -6.72 10.17 22.79
N ARG A 169 -6.15 11.35 22.46
CA ARG A 169 -6.54 12.64 23.06
C ARG A 169 -8.01 12.99 22.77
N ARG A 170 -8.46 12.71 21.53
CA ARG A 170 -9.84 12.92 21.06
C ARG A 170 -10.81 12.04 21.88
N TYR A 171 -10.44 10.76 22.09
CA TYR A 171 -11.22 9.78 22.85
C TYR A 171 -11.30 10.14 24.33
N LEU A 172 -10.18 10.62 24.91
CA LEU A 172 -10.10 11.05 26.31
C LEU A 172 -10.98 12.26 26.54
N GLU A 173 -11.03 13.18 25.57
CA GLU A 173 -11.85 14.39 25.63
C GLU A 173 -13.34 14.04 25.52
N ASN A 174 -13.71 13.21 24.53
CA ASN A 174 -15.09 12.77 24.28
C ASN A 174 -15.65 11.89 25.41
N GLY A 175 -14.77 11.14 26.05
CA GLY A 175 -15.14 10.25 27.16
C GLY A 175 -14.65 10.69 28.52
N LYS A 176 -14.32 12.00 28.67
CA LYS A 176 -13.80 12.64 29.90
C LYS A 176 -14.63 12.36 31.16
N GLU A 177 -15.96 12.19 31.02
CA GLU A 177 -16.87 11.93 32.14
C GLU A 177 -16.68 10.55 32.78
N THR A 178 -16.14 9.57 32.02
CA THR A 178 -15.92 8.21 32.52
C THR A 178 -14.44 7.79 32.51
N LEU A 179 -13.65 8.28 31.53
CA LEU A 179 -12.23 7.93 31.36
C LEU A 179 -11.27 8.69 32.27
N GLN A 180 -11.49 10.00 32.48
CA GLN A 180 -10.61 10.83 33.31
C GLN A 180 -11.13 10.94 34.76
N ARG A 181 -11.94 9.95 35.17
CA ARG A 181 -12.53 9.81 36.50
C ARG A 181 -12.00 8.52 37.13
N ALA A 182 -11.27 8.65 38.26
CA ALA A 182 -10.68 7.52 38.98
C ALA A 182 -11.30 7.32 40.37
N ASP A 183 -12.07 6.22 40.53
CA ASP A 183 -12.79 5.87 41.77
C ASP A 183 -11.85 5.23 42.82
N PRO A 184 -11.97 5.61 44.13
CA PRO A 184 -11.07 5.05 45.16
C PRO A 184 -11.58 3.77 45.85
N PRO A 185 -10.68 2.89 46.38
CA PRO A 185 -11.13 1.65 47.00
C PRO A 185 -11.74 1.75 48.40
N LYS A 186 -12.63 0.79 48.72
CA LYS A 186 -13.31 0.67 50.02
C LYS A 186 -12.51 -0.38 50.82
N THR A 187 -11.67 0.10 51.74
CA THR A 187 -10.76 -0.73 52.53
C THR A 187 -11.29 -1.16 53.91
N HIS A 188 -10.96 -2.41 54.32
CA HIS A 188 -11.29 -3.03 55.61
C HIS A 188 -10.52 -4.33 55.85
N VAL A 189 -10.18 -4.61 57.12
CA VAL A 189 -9.47 -5.82 57.54
C VAL A 189 -10.47 -6.86 58.11
N THR A 190 -10.26 -8.16 57.80
CA THR A 190 -11.16 -9.24 58.23
C THR A 190 -10.42 -10.50 58.71
N HIS A 191 -11.18 -11.42 59.31
CA HIS A 191 -10.76 -12.73 59.76
C HIS A 191 -11.95 -13.70 59.72
N HIS A 192 -11.76 -14.80 59.00
CA HIS A 192 -12.74 -15.87 58.77
C HIS A 192 -12.98 -16.77 60.01
N PRO A 193 -14.23 -17.29 60.23
CA PRO A 193 -14.45 -18.17 61.38
C PRO A 193 -13.72 -19.51 61.23
N VAL A 194 -12.51 -19.57 61.80
CA VAL A 194 -11.60 -20.72 61.74
C VAL A 194 -11.65 -21.60 63.00
N SER A 195 -10.81 -22.66 63.00
CA SER A 195 -10.60 -23.58 64.11
C SER A 195 -9.40 -23.06 64.92
N ASP A 196 -9.05 -23.72 66.04
CA ASP A 196 -7.92 -23.32 66.90
C ASP A 196 -6.57 -23.47 66.16
N HIS A 197 -5.67 -22.48 66.34
CA HIS A 197 -4.33 -22.36 65.74
C HIS A 197 -4.36 -22.21 64.20
N GLU A 198 -5.52 -21.84 63.64
CA GLU A 198 -5.69 -21.64 62.19
C GLU A 198 -6.09 -20.18 61.86
N ALA A 199 -5.76 -19.25 62.79
CA ALA A 199 -6.04 -17.82 62.64
C ALA A 199 -5.11 -17.16 61.61
N THR A 200 -5.65 -16.18 60.86
CA THR A 200 -4.96 -15.42 59.82
C THR A 200 -5.47 -13.97 59.77
N LEU A 201 -4.69 -13.07 59.15
CA LEU A 201 -5.05 -11.65 58.99
C LEU A 201 -5.25 -11.36 57.49
N ARG A 202 -6.42 -10.79 57.11
CA ARG A 202 -6.74 -10.49 55.72
C ARG A 202 -7.15 -9.03 55.46
N CYS A 203 -6.38 -8.32 54.60
CA CYS A 203 -6.58 -6.93 54.20
C CYS A 203 -7.35 -6.89 52.88
N TRP A 204 -8.37 -6.01 52.76
CA TRP A 204 -9.19 -5.94 51.55
C TRP A 204 -9.27 -4.55 50.90
N ALA A 205 -9.51 -4.54 49.57
CA ALA A 205 -9.74 -3.40 48.67
C ALA A 205 -10.82 -3.90 47.71
N LEU A 206 -11.92 -3.13 47.50
CA LEU A 206 -13.04 -3.69 46.72
C LEU A 206 -13.62 -2.88 45.53
N GLY A 207 -13.49 -1.57 45.51
CA GLY A 207 -14.07 -0.79 44.42
C GLY A 207 -13.16 0.25 43.81
N PHE A 208 -12.46 -0.10 42.71
CA PHE A 208 -11.53 0.84 42.07
C PHE A 208 -11.42 0.72 40.55
N TYR A 209 -11.00 1.84 39.93
CA TYR A 209 -10.71 2.05 38.51
C TYR A 209 -9.68 3.20 38.43
N PRO A 210 -8.47 3.03 37.85
CA PRO A 210 -7.91 1.83 37.19
C PRO A 210 -7.57 0.69 38.16
N ALA A 211 -7.24 -0.49 37.59
CA ALA A 211 -6.89 -1.72 38.31
C ALA A 211 -5.59 -1.65 39.11
N GLU A 212 -4.69 -0.70 38.80
CA GLU A 212 -3.40 -0.52 39.47
C GLU A 212 -3.58 -0.17 40.96
N ILE A 213 -3.04 -1.05 41.84
CA ILE A 213 -3.11 -0.97 43.30
C ILE A 213 -1.94 -1.73 43.95
N THR A 214 -1.48 -1.28 45.15
CA THR A 214 -0.39 -1.93 45.89
C THR A 214 -0.80 -2.16 47.35
N LEU A 215 -0.96 -3.45 47.74
CA LEU A 215 -1.32 -3.85 49.09
C LEU A 215 -0.12 -4.52 49.75
N THR A 216 0.38 -3.93 50.85
CA THR A 216 1.55 -4.44 51.58
C THR A 216 1.27 -4.59 53.08
N TRP A 217 1.83 -5.65 53.71
CA TRP A 217 1.65 -5.92 55.13
C TRP A 217 2.98 -5.91 55.88
N GLN A 218 3.27 -4.80 56.60
CA GLN A 218 4.49 -4.59 57.39
C GLN A 218 4.23 -3.59 58.52
N ARG A 219 4.83 -3.82 59.72
CA ARG A 219 4.70 -2.89 60.85
C ARG A 219 6.02 -2.63 61.56
N ASP A 220 6.60 -3.66 62.22
CA ASP A 220 7.86 -3.54 62.96
C ASP A 220 9.02 -3.32 61.96
N GLY A 221 9.18 -4.28 61.05
CA GLY A 221 10.20 -4.24 60.00
C GLY A 221 9.57 -4.40 58.63
N GLU A 222 10.32 -4.99 57.69
CA GLU A 222 9.85 -5.23 56.33
C GLU A 222 10.00 -6.70 55.95
N ASP A 223 8.91 -7.47 56.08
CA ASP A 223 8.89 -8.90 55.76
C ASP A 223 8.88 -9.16 54.25
N GLN A 224 8.13 -8.34 53.48
CA GLN A 224 7.97 -8.41 52.02
C GLN A 224 7.38 -9.77 51.62
N THR A 225 8.12 -10.58 50.83
CA THR A 225 7.73 -11.91 50.34
C THR A 225 7.56 -12.94 51.46
N GLN A 226 8.19 -12.70 52.64
CA GLN A 226 8.12 -13.61 53.80
C GLN A 226 6.71 -13.74 54.37
N ASP A 227 5.98 -14.77 53.89
CA ASP A 227 4.61 -15.16 54.25
C ASP A 227 3.58 -14.03 54.06
N THR A 228 3.45 -13.55 52.82
CA THR A 228 2.46 -12.52 52.44
C THR A 228 1.71 -13.03 51.21
N GLU A 229 0.46 -13.52 51.44
CA GLU A 229 -0.39 -14.07 50.40
C GLU A 229 -0.90 -13.00 49.44
N LEU A 230 -0.39 -13.05 48.20
CA LEU A 230 -0.73 -12.13 47.11
C LEU A 230 -1.80 -12.77 46.24
N VAL A 231 -2.86 -12.00 45.92
CA VAL A 231 -3.94 -12.48 45.06
C VAL A 231 -4.04 -11.58 43.81
N GLU A 232 -4.29 -12.19 42.63
CA GLU A 232 -4.39 -11.49 41.35
C GLU A 232 -5.57 -10.52 41.36
N THR A 233 -5.38 -9.30 40.79
CA THR A 233 -6.40 -8.25 40.71
C THR A 233 -7.53 -8.72 39.79
N ARG A 234 -8.64 -9.07 40.42
CA ARG A 234 -9.83 -9.60 39.78
C ARG A 234 -10.90 -8.53 39.46
N PRO A 235 -11.56 -8.59 38.29
CA PRO A 235 -12.57 -7.63 37.95
C PRO A 235 -13.90 -7.82 38.69
N ALA A 236 -14.71 -6.77 38.61
CA ALA A 236 -16.12 -6.69 39.06
C ALA A 236 -16.77 -6.65 37.67
N GLY A 237 -17.98 -6.14 37.49
CA GLY A 237 -18.46 -6.05 36.10
C GLY A 237 -18.57 -4.75 35.32
N ASP A 238 -18.14 -3.63 35.89
CA ASP A 238 -18.47 -2.30 35.31
C ASP A 238 -17.17 -1.68 34.78
N ARG A 239 -16.44 -1.13 35.73
CA ARG A 239 -15.06 -0.62 35.68
C ARG A 239 -14.39 -1.07 36.99
N THR A 240 -15.18 -1.61 37.92
CA THR A 240 -14.73 -1.98 39.27
C THR A 240 -13.82 -3.21 39.25
N PHE A 241 -12.86 -3.19 40.15
CA PHE A 241 -11.86 -4.25 40.41
C PHE A 241 -11.74 -4.56 41.91
N GLN A 242 -11.10 -5.70 42.27
CA GLN A 242 -10.90 -6.16 43.65
C GLN A 242 -9.50 -6.77 43.85
N LYS A 243 -9.03 -6.79 45.12
CA LYS A 243 -7.73 -7.38 45.52
C LYS A 243 -7.64 -7.50 47.05
N TRP A 244 -6.98 -8.56 47.54
CA TRP A 244 -6.75 -8.77 48.97
C TRP A 244 -5.34 -9.30 49.27
N ALA A 245 -4.88 -9.11 50.52
CA ALA A 245 -3.56 -9.55 51.01
C ALA A 245 -3.70 -10.28 52.36
N ALA A 246 -2.88 -11.33 52.58
CA ALA A 246 -2.93 -12.12 53.82
C ALA A 246 -1.55 -12.39 54.46
N VAL A 247 -1.56 -12.69 55.78
CA VAL A 247 -0.38 -13.01 56.60
C VAL A 247 -0.78 -13.99 57.72
N VAL A 248 -0.02 -15.11 57.86
CA VAL A 248 -0.32 -16.16 58.84
C VAL A 248 0.02 -15.73 60.29
N VAL A 249 -0.88 -16.08 61.23
CA VAL A 249 -0.79 -15.84 62.68
C VAL A 249 -1.43 -17.05 63.44
N PRO A 250 -0.72 -18.21 63.54
CA PRO A 250 -1.33 -19.40 64.19
C PRO A 250 -1.45 -19.34 65.73
N SER A 251 -1.30 -18.14 66.31
CA SER A 251 -1.42 -17.86 67.76
C SER A 251 -2.15 -16.51 67.97
N GLY A 252 -1.89 -15.79 69.06
CA GLY A 252 -2.58 -14.53 69.34
C GLY A 252 -1.77 -13.31 69.73
N GLU A 253 -0.98 -12.74 68.79
CA GLU A 253 -0.17 -11.52 68.99
C GLU A 253 -0.15 -10.66 67.69
N GLU A 254 -1.35 -10.47 67.09
CA GLU A 254 -1.52 -9.81 65.79
C GLU A 254 -1.91 -8.31 65.81
N GLN A 255 -1.78 -7.59 66.94
CA GLN A 255 -2.06 -6.15 66.92
C GLN A 255 -0.81 -5.38 66.45
N ARG A 256 0.35 -6.08 66.42
CA ARG A 256 1.66 -5.59 65.98
C ARG A 256 1.82 -5.62 64.44
N TYR A 257 0.72 -5.74 63.69
CA TYR A 257 0.76 -5.75 62.23
C TYR A 257 -0.01 -4.57 61.65
N THR A 258 0.39 -4.12 60.44
CA THR A 258 -0.24 -3.00 59.74
C THR A 258 -0.29 -3.23 58.23
N CYS A 259 -1.47 -3.04 57.63
CA CYS A 259 -1.67 -3.14 56.18
C CYS A 259 -1.64 -1.73 55.58
N HIS A 260 -1.08 -1.61 54.37
CA HIS A 260 -0.95 -0.33 53.65
C HIS A 260 -1.46 -0.43 52.22
N VAL A 261 -2.19 0.61 51.77
CA VAL A 261 -2.74 0.72 50.41
C VAL A 261 -1.98 1.80 49.61
N GLN A 262 -2.17 1.85 48.26
CA GLN A 262 -1.44 2.80 47.41
C GLN A 262 -2.21 3.32 46.17
N HIS A 263 -3.53 3.03 46.07
CA HIS A 263 -4.36 3.46 44.93
C HIS A 263 -4.36 4.98 44.72
N GLU A 264 -4.22 5.41 43.45
CA GLU A 264 -4.14 6.82 43.03
C GLU A 264 -5.45 7.62 43.19
N GLY A 265 -6.58 6.93 43.31
CA GLY A 265 -7.90 7.54 43.50
C GLY A 265 -8.11 8.16 44.87
N LEU A 266 -7.34 7.68 45.87
CA LEU A 266 -7.37 8.14 47.26
C LEU A 266 -6.54 9.42 47.42
N PRO A 267 -6.85 10.31 48.42
CA PRO A 267 -6.03 11.53 48.58
C PRO A 267 -4.58 11.26 48.97
N LYS A 268 -4.34 10.25 49.83
CA LYS A 268 -3.02 9.82 50.33
C LYS A 268 -3.10 8.35 50.84
N PRO A 269 -1.98 7.57 50.92
CA PRO A 269 -2.10 6.17 51.39
C PRO A 269 -2.68 5.96 52.79
N LEU A 270 -3.57 4.96 52.94
CA LEU A 270 -4.23 4.62 54.20
C LEU A 270 -3.47 3.57 55.00
N THR A 271 -3.64 3.60 56.33
CA THR A 271 -3.04 2.68 57.29
C THR A 271 -4.18 1.87 57.94
N LEU A 272 -4.07 0.53 57.90
CA LEU A 272 -5.09 -0.38 58.44
C LEU A 272 -4.50 -1.35 59.47
N ARG A 273 -5.27 -1.66 60.54
CA ARG A 273 -4.84 -2.55 61.62
C ARG A 273 -5.90 -3.62 61.89
N ILE B 1 4.47 -24.18 25.82
CA ILE B 1 3.47 -24.14 24.74
C ILE B 1 2.05 -23.93 25.28
N GLN B 2 1.60 -24.80 26.22
CA GLN B 2 0.26 -24.72 26.81
C GLN B 2 0.28 -24.29 28.26
N ARG B 3 -0.71 -23.48 28.65
CA ARG B 3 -0.85 -22.94 30.01
C ARG B 3 -2.23 -23.24 30.60
N THR B 4 -2.25 -23.74 31.86
CA THR B 4 -3.47 -24.11 32.59
C THR B 4 -4.23 -22.86 33.05
N PRO B 5 -5.58 -22.84 33.08
CA PRO B 5 -6.27 -21.65 33.58
C PRO B 5 -6.20 -21.51 35.11
N LYS B 6 -6.01 -20.26 35.57
CA LYS B 6 -6.00 -19.87 36.97
C LYS B 6 -7.43 -19.49 37.27
N ILE B 7 -7.94 -19.93 38.42
CA ILE B 7 -9.34 -19.68 38.73
C ILE B 7 -9.56 -18.98 40.08
N GLN B 8 -10.55 -18.09 40.13
CA GLN B 8 -10.96 -17.33 41.32
C GLN B 8 -12.49 -17.19 41.32
N VAL B 9 -13.14 -17.82 42.31
CA VAL B 9 -14.60 -17.73 42.48
C VAL B 9 -14.89 -16.89 43.73
N TYR B 10 -15.56 -15.75 43.52
CA TYR B 10 -15.84 -14.72 44.52
C TYR B 10 -17.14 -13.97 44.17
N SER B 11 -17.48 -12.92 44.95
CA SER B 11 -18.66 -12.09 44.71
C SER B 11 -18.27 -10.63 44.52
N ARG B 12 -19.18 -9.82 43.95
CA ARG B 12 -18.96 -8.38 43.74
C ARG B 12 -19.01 -7.64 45.09
N HIS B 13 -20.12 -7.80 45.82
CA HIS B 13 -20.35 -7.16 47.11
C HIS B 13 -20.38 -8.20 48.24
N PRO B 14 -19.81 -7.94 49.44
CA PRO B 14 -19.86 -8.94 50.51
C PRO B 14 -21.22 -8.91 51.23
N ALA B 15 -22.20 -9.64 50.67
CA ALA B 15 -23.56 -9.73 51.22
C ALA B 15 -23.71 -10.96 52.11
N GLU B 16 -24.96 -11.27 52.47
CA GLU B 16 -25.37 -12.42 53.26
C GLU B 16 -26.73 -12.89 52.75
N ASN B 17 -27.29 -13.90 53.40
CA ASN B 17 -28.52 -14.52 52.88
C ASN B 17 -29.55 -13.43 52.61
N GLY B 18 -30.35 -13.72 51.59
CA GLY B 18 -31.56 -13.01 51.19
C GLY B 18 -31.38 -11.86 50.24
N LYS B 19 -30.16 -11.40 50.00
CA LYS B 19 -30.10 -10.27 49.05
C LYS B 19 -29.02 -10.43 47.98
N SER B 20 -29.24 -9.69 46.89
CA SER B 20 -28.48 -9.76 45.62
C SER B 20 -27.08 -9.15 45.61
N ASN B 21 -26.30 -9.74 44.68
CA ASN B 21 -24.93 -9.50 44.19
C ASN B 21 -24.69 -10.46 43.02
N PHE B 22 -23.44 -10.64 42.59
CA PHE B 22 -23.12 -11.50 41.45
C PHE B 22 -22.00 -12.48 41.79
N LEU B 23 -22.16 -13.73 41.34
CA LEU B 23 -21.18 -14.78 41.54
C LEU B 23 -20.21 -14.69 40.38
N ASN B 24 -18.96 -14.31 40.70
CA ASN B 24 -17.90 -14.14 39.73
C ASN B 24 -16.95 -15.33 39.69
N CYS B 25 -16.48 -15.65 38.47
CA CYS B 25 -15.48 -16.68 38.20
C CYS B 25 -14.58 -16.11 37.13
N TYR B 26 -13.40 -15.64 37.55
CA TYR B 26 -12.42 -15.05 36.65
C TYR B 26 -11.41 -16.10 36.26
N VAL B 27 -11.35 -16.45 34.97
CA VAL B 27 -10.41 -17.46 34.45
C VAL B 27 -9.33 -16.75 33.63
N SER B 28 -8.05 -16.97 33.99
CA SER B 28 -6.92 -16.27 33.38
C SER B 28 -5.68 -17.15 33.25
N GLY B 29 -4.64 -16.61 32.60
CA GLY B 29 -3.37 -17.28 32.41
C GLY B 29 -3.38 -18.54 31.58
N PHE B 30 -4.40 -18.71 30.70
CA PHE B 30 -4.50 -19.90 29.86
C PHE B 30 -4.12 -19.66 28.40
N HIS B 31 -3.66 -20.73 27.75
CA HIS B 31 -3.27 -20.77 26.34
C HIS B 31 -3.31 -22.25 25.89
N PRO B 32 -3.98 -22.63 24.78
CA PRO B 32 -4.73 -21.81 23.79
C PRO B 32 -6.01 -21.16 24.32
N SER B 33 -6.62 -20.29 23.51
CA SER B 33 -7.80 -19.49 23.83
C SER B 33 -9.11 -20.23 24.08
N ASP B 34 -9.32 -21.43 23.49
CA ASP B 34 -10.57 -22.18 23.68
C ASP B 34 -10.73 -22.67 25.10
N ILE B 35 -11.87 -22.35 25.72
CA ILE B 35 -12.19 -22.70 27.10
C ILE B 35 -13.71 -22.95 27.29
N GLU B 36 -14.07 -23.73 28.32
CA GLU B 36 -15.45 -24.04 28.68
C GLU B 36 -15.63 -23.74 30.15
N VAL B 37 -16.49 -22.75 30.47
CA VAL B 37 -16.74 -22.33 31.85
C VAL B 37 -18.25 -22.31 32.13
N ASP B 38 -18.64 -22.87 33.29
CA ASP B 38 -20.03 -22.88 33.77
C ASP B 38 -20.09 -22.73 35.29
N LEU B 39 -21.15 -22.06 35.78
CA LEU B 39 -21.37 -21.82 37.21
C LEU B 39 -22.27 -22.89 37.80
N LEU B 40 -21.97 -23.32 39.03
CA LEU B 40 -22.67 -24.41 39.71
C LEU B 40 -23.38 -23.97 40.99
N LYS B 41 -24.63 -24.45 41.16
CA LYS B 41 -25.45 -24.24 42.36
C LYS B 41 -25.85 -25.63 42.84
N ASN B 42 -25.26 -26.05 43.97
CA ASN B 42 -25.45 -27.37 44.60
C ASN B 42 -25.01 -28.50 43.65
N GLY B 43 -23.88 -28.26 43.01
CA GLY B 43 -23.20 -29.22 42.13
C GLY B 43 -23.63 -29.24 40.68
N GLU B 44 -24.70 -28.56 40.27
CA GLU B 44 -25.03 -28.69 38.82
C GLU B 44 -25.81 -27.52 38.22
N ARG B 45 -25.45 -27.20 36.97
CA ARG B 45 -26.13 -26.41 35.90
C ARG B 45 -26.69 -25.03 36.24
N ILE B 46 -25.88 -24.02 36.54
CA ILE B 46 -26.60 -22.72 36.65
C ILE B 46 -27.04 -22.34 35.23
N GLU B 47 -28.34 -22.07 35.08
CA GLU B 47 -29.02 -21.71 33.82
C GLU B 47 -28.02 -20.82 33.10
N LYS B 48 -28.01 -20.84 31.77
CA LYS B 48 -27.07 -20.13 30.88
C LYS B 48 -26.70 -18.72 31.40
N VAL B 49 -25.41 -18.61 31.78
CA VAL B 49 -24.79 -17.40 32.40
C VAL B 49 -24.13 -16.50 31.33
N GLU B 50 -23.50 -15.42 31.78
CA GLU B 50 -22.83 -14.40 30.97
C GLU B 50 -21.30 -14.38 31.14
N HIS B 51 -20.59 -13.98 30.07
CA HIS B 51 -19.13 -13.86 30.09
C HIS B 51 -18.63 -12.59 29.43
N SER B 52 -17.54 -12.03 29.96
CA SER B 52 -16.87 -10.85 29.39
C SER B 52 -16.10 -11.31 28.14
N ASP B 53 -15.73 -10.39 27.26
CA ASP B 53 -15.01 -10.74 26.03
C ASP B 53 -13.57 -11.19 26.30
N LEU B 54 -13.14 -12.26 25.61
CA LEU B 54 -11.80 -12.83 25.69
C LEU B 54 -10.74 -11.85 25.19
N SER B 55 -9.71 -11.62 26.01
CA SER B 55 -8.57 -10.77 25.71
C SER B 55 -7.30 -11.41 26.26
N PHE B 56 -6.14 -10.80 26.05
CA PHE B 56 -4.88 -11.35 26.54
C PHE B 56 -4.02 -10.33 27.27
N SER B 57 -3.12 -10.84 28.12
CA SER B 57 -2.18 -10.07 28.94
C SER B 57 -0.82 -9.94 28.23
N LYS B 58 0.15 -9.26 28.89
CA LYS B 58 1.52 -9.01 28.44
C LYS B 58 2.29 -10.31 28.16
N ASP B 59 1.98 -11.37 28.92
CA ASP B 59 2.59 -12.70 28.78
C ASP B 59 1.91 -13.56 27.69
N TRP B 60 0.93 -12.97 26.95
CA TRP B 60 0.16 -13.54 25.82
C TRP B 60 -0.94 -14.53 26.24
N SER B 61 -1.04 -14.84 27.54
CA SER B 61 -2.07 -15.76 28.03
C SER B 61 -3.43 -15.04 28.04
N PHE B 62 -4.50 -15.80 27.76
CA PHE B 62 -5.86 -15.29 27.67
C PHE B 62 -6.59 -15.21 29.01
N TYR B 63 -7.58 -14.30 29.09
CA TYR B 63 -8.40 -14.10 30.27
C TYR B 63 -9.81 -13.62 29.92
N LEU B 64 -10.79 -14.00 30.75
CA LEU B 64 -12.20 -13.59 30.71
C LEU B 64 -12.90 -13.89 32.04
N LEU B 65 -14.01 -13.19 32.29
CA LEU B 65 -14.80 -13.31 33.50
C LEU B 65 -16.17 -13.91 33.20
N TYR B 66 -16.55 -14.93 33.96
CA TYR B 66 -17.85 -15.59 33.88
C TYR B 66 -18.62 -15.18 35.12
N TYR B 67 -19.81 -14.60 34.92
CA TYR B 67 -20.63 -14.07 36.00
C TYR B 67 -22.12 -14.35 35.81
N THR B 68 -22.84 -14.40 36.94
CA THR B 68 -24.29 -14.55 37.03
C THR B 68 -24.78 -13.93 38.32
N GLU B 69 -26.01 -13.44 38.33
CA GLU B 69 -26.60 -12.84 39.52
C GLU B 69 -27.11 -13.94 40.45
N PHE B 70 -26.62 -13.95 41.70
CA PHE B 70 -27.07 -14.94 42.67
C PHE B 70 -27.79 -14.28 43.85
N THR B 71 -29.14 -14.20 43.71
CA THR B 71 -30.07 -13.71 44.73
C THR B 71 -30.10 -14.69 45.91
N PRO B 72 -30.11 -16.04 45.69
CA PRO B 72 -30.25 -16.94 46.84
C PRO B 72 -28.94 -17.28 47.53
N THR B 73 -28.33 -16.26 48.19
CA THR B 73 -27.09 -16.44 48.93
C THR B 73 -27.40 -17.11 50.29
N GLU B 74 -28.10 -18.26 50.23
CA GLU B 74 -28.51 -19.07 51.37
C GLU B 74 -27.39 -20.01 51.83
N ALA B 75 -27.74 -21.07 52.60
CA ALA B 75 -26.81 -22.09 53.08
C ALA B 75 -26.34 -23.01 51.95
N ASP B 76 -27.02 -22.96 50.78
CA ASP B 76 -26.70 -23.74 49.58
C ASP B 76 -25.33 -23.34 49.00
N GLU B 77 -24.54 -24.32 48.53
CA GLU B 77 -23.19 -24.11 48.03
C GLU B 77 -23.09 -23.75 46.54
N TYR B 78 -22.14 -22.85 46.22
CA TYR B 78 -21.82 -22.37 44.87
C TYR B 78 -20.38 -22.74 44.50
N ALA B 79 -20.14 -22.95 43.20
CA ALA B 79 -18.83 -23.33 42.66
C ALA B 79 -18.67 -22.97 41.17
N CYS B 80 -17.43 -22.93 40.67
CA CYS B 80 -17.12 -22.70 39.27
C CYS B 80 -16.42 -23.94 38.71
N ARG B 81 -16.85 -24.40 37.52
CA ARG B 81 -16.31 -25.58 36.84
C ARG B 81 -15.71 -25.17 35.48
N VAL B 82 -14.40 -25.45 35.27
CA VAL B 82 -13.68 -25.06 34.04
C VAL B 82 -13.06 -26.24 33.30
N ASN B 83 -13.25 -26.27 31.97
CA ASN B 83 -12.66 -27.28 31.08
C ASN B 83 -11.75 -26.60 30.04
N HIS B 84 -10.51 -27.10 29.94
CA HIS B 84 -9.47 -26.61 29.02
C HIS B 84 -8.67 -27.83 28.54
N VAL B 85 -8.04 -27.75 27.35
CA VAL B 85 -7.25 -28.83 26.70
C VAL B 85 -6.13 -29.36 27.62
N THR B 86 -5.63 -28.50 28.51
CA THR B 86 -4.57 -28.77 29.47
C THR B 86 -5.03 -29.64 30.67
N LEU B 87 -6.35 -29.70 30.95
CA LEU B 87 -6.90 -30.45 32.08
C LEU B 87 -7.36 -31.85 31.66
N SER B 88 -7.18 -32.85 32.55
CA SER B 88 -7.62 -34.24 32.29
C SER B 88 -9.08 -34.44 32.68
N GLN B 89 -9.61 -33.50 33.48
CA GLN B 89 -11.00 -33.41 33.92
C GLN B 89 -11.30 -31.96 34.34
N PRO B 90 -12.56 -31.47 34.28
CA PRO B 90 -12.81 -30.07 34.66
C PRO B 90 -12.41 -29.72 36.09
N LYS B 91 -11.82 -28.53 36.29
CA LYS B 91 -11.39 -28.05 37.59
C LYS B 91 -12.56 -27.34 38.28
N ILE B 92 -13.00 -27.87 39.44
CA ILE B 92 -14.10 -27.29 40.20
C ILE B 92 -13.56 -26.59 41.45
N VAL B 93 -13.87 -25.29 41.59
CA VAL B 93 -13.47 -24.48 42.73
C VAL B 93 -14.71 -23.99 43.48
N LYS B 94 -14.84 -24.35 44.76
CA LYS B 94 -15.97 -23.97 45.60
C LYS B 94 -15.87 -22.50 46.01
N TRP B 95 -17.02 -21.82 46.11
CA TRP B 95 -17.05 -20.43 46.51
C TRP B 95 -16.90 -20.30 48.03
N ASP B 96 -15.83 -19.64 48.46
CA ASP B 96 -15.55 -19.35 49.86
C ASP B 96 -15.93 -17.90 50.08
N ARG B 97 -16.95 -17.67 50.91
CA ARG B 97 -17.52 -16.37 51.27
C ARG B 97 -16.47 -15.36 51.78
N ASP B 98 -15.43 -15.85 52.49
CA ASP B 98 -14.38 -15.05 53.12
C ASP B 98 -13.13 -14.77 52.25
N MET B 99 -13.14 -15.16 50.96
CA MET B 99 -12.02 -14.91 50.04
C MET B 99 -12.44 -14.88 48.55
N LEU C 1 -7.92 5.05 16.88
CA LEU C 1 -7.75 4.72 15.46
C LEU C 1 -6.59 3.72 15.32
N PRO C 2 -6.77 2.59 14.60
CA PRO C 2 -5.68 1.60 14.50
C PRO C 2 -4.58 1.95 13.49
N PHE C 3 -3.48 1.14 13.48
CA PHE C 3 -2.37 1.27 12.54
C PHE C 3 -2.93 0.87 11.18
N GLU C 4 -2.72 1.72 10.17
CA GLU C 4 -3.31 1.49 8.86
C GLU C 4 -2.32 0.96 7.81
N LYS C 5 -1.41 0.09 8.26
CA LYS C 5 -0.47 -0.61 7.40
C LYS C 5 -0.51 -2.08 7.81
N SER C 6 -0.99 -2.92 6.90
CA SER C 6 -1.15 -4.37 7.10
C SER C 6 -0.09 -5.09 6.27
N THR C 7 0.88 -5.72 6.94
CA THR C 7 2.01 -6.36 6.25
C THR C 7 2.12 -7.84 6.58
N VAL C 8 2.15 -8.68 5.53
CA VAL C 8 2.29 -10.14 5.62
C VAL C 8 3.66 -10.49 6.25
N MET C 9 3.65 -11.47 7.16
CA MET C 9 4.81 -11.94 7.90
C MET C 9 5.59 -13.03 7.13
N GLN D 1 -7.81 15.37 0.78
CA GLN D 1 -7.31 14.15 0.16
C GLN D 1 -6.85 14.40 -1.28
N SER D 2 -5.90 15.33 -1.45
CA SER D 2 -5.37 15.72 -2.77
C SER D 2 -3.89 16.11 -2.73
N LEU D 3 -3.27 16.24 -3.92
CA LEU D 3 -1.88 16.68 -4.07
C LEU D 3 -1.68 17.46 -5.39
N GLU D 4 -0.75 18.43 -5.39
CA GLU D 4 -0.46 19.29 -6.53
C GLU D 4 1.02 19.35 -6.85
N GLN D 5 1.34 19.32 -8.16
CA GLN D 5 2.70 19.40 -8.69
C GLN D 5 2.66 20.18 -10.04
N PRO D 6 3.75 20.87 -10.48
CA PRO D 6 3.69 21.62 -11.76
C PRO D 6 3.34 20.75 -12.96
N SER D 7 2.70 21.34 -13.96
CA SER D 7 2.31 20.62 -15.17
C SER D 7 3.50 20.26 -16.05
N GLU D 8 4.45 21.20 -16.20
CA GLU D 8 5.63 21.02 -17.06
C GLU D 8 6.83 21.76 -16.52
N VAL D 9 8.03 21.27 -16.87
CA VAL D 9 9.30 21.89 -16.51
C VAL D 9 10.33 21.60 -17.62
N THR D 10 11.09 22.63 -18.00
CA THR D 10 12.11 22.54 -19.05
C THR D 10 13.46 22.90 -18.45
N ALA D 11 14.45 22.03 -18.69
CA ALA D 11 15.82 22.23 -18.22
C ALA D 11 16.81 21.79 -19.30
N VAL D 12 18.04 22.29 -19.20
CA VAL D 12 19.11 21.97 -20.14
C VAL D 12 19.89 20.76 -19.60
N GLU D 13 20.48 19.97 -20.52
CA GLU D 13 21.35 18.83 -20.24
C GLU D 13 22.53 19.31 -19.36
N GLY D 14 22.84 18.54 -18.32
CA GLY D 14 23.91 18.87 -17.37
C GLY D 14 23.47 19.69 -16.17
N ALA D 15 22.30 20.36 -16.28
CA ALA D 15 21.75 21.19 -15.21
C ALA D 15 21.01 20.36 -14.15
N ILE D 16 20.35 21.04 -13.19
CA ILE D 16 19.56 20.41 -12.14
C ILE D 16 18.10 20.90 -12.22
N VAL D 17 17.15 20.10 -11.72
CA VAL D 17 15.75 20.49 -11.73
C VAL D 17 15.04 19.97 -10.46
N GLN D 18 14.21 20.82 -9.86
CA GLN D 18 13.44 20.45 -8.68
C GLN D 18 11.95 20.48 -8.99
N ILE D 19 11.27 19.35 -8.71
CA ILE D 19 9.83 19.20 -8.88
C ILE D 19 9.23 19.18 -7.49
N ASN D 20 8.40 20.17 -7.17
CA ASN D 20 7.75 20.32 -5.86
C ASN D 20 6.37 19.72 -5.84
N CYS D 21 5.99 19.07 -4.72
N CYS D 21 6.00 19.10 -4.70
CA CYS D 21 4.68 18.41 -4.55
CA CYS D 21 4.71 18.45 -4.52
C CYS D 21 4.08 18.74 -3.19
C CYS D 21 4.13 18.84 -3.17
N THR D 22 2.92 19.39 -3.19
CA THR D 22 2.20 19.77 -1.96
C THR D 22 0.99 18.87 -1.86
N TYR D 23 0.67 18.41 -0.65
CA TYR D 23 -0.47 17.54 -0.45
C TYR D 23 -1.36 18.04 0.69
N GLN D 24 -2.60 17.56 0.73
CA GLN D 24 -3.57 17.89 1.78
C GLN D 24 -4.23 16.57 2.20
N THR D 25 -3.99 16.15 3.45
CA THR D 25 -4.55 14.92 4.05
C THR D 25 -4.62 15.00 5.57
N SER D 26 -5.49 14.16 6.18
CA SER D 26 -5.66 14.08 7.63
C SER D 26 -4.91 12.89 8.27
N GLY D 27 -4.51 11.92 7.45
CA GLY D 27 -3.79 10.72 7.89
C GLY D 27 -2.72 10.28 6.92
N PHE D 28 -1.62 11.05 6.82
CA PHE D 28 -0.48 10.80 5.95
C PHE D 28 0.32 9.56 6.36
N TYR D 29 0.75 8.75 5.37
CA TYR D 29 1.56 7.54 5.60
C TYR D 29 2.86 7.52 4.81
N GLY D 30 2.89 8.20 3.66
CA GLY D 30 4.08 8.25 2.83
C GLY D 30 3.93 9.03 1.53
N LEU D 31 5.05 9.58 1.05
CA LEU D 31 5.12 10.31 -0.21
C LEU D 31 6.15 9.62 -1.10
N SER D 32 5.78 9.25 -2.31
CA SER D 32 6.70 8.55 -3.20
C SER D 32 6.74 9.17 -4.57
N TRP D 33 7.76 8.80 -5.38
CA TRP D 33 7.98 9.34 -6.72
C TRP D 33 8.14 8.27 -7.77
N TYR D 34 7.51 8.47 -8.92
CA TYR D 34 7.56 7.53 -10.03
C TYR D 34 7.87 8.25 -11.33
N GLN D 35 8.69 7.62 -12.19
CA GLN D 35 9.08 8.13 -13.50
C GLN D 35 8.37 7.29 -14.57
N GLN D 36 7.67 7.95 -15.49
CA GLN D 36 6.98 7.27 -16.58
C GLN D 36 7.35 7.84 -17.93
N HIS D 37 7.97 7.00 -18.78
CA HIS D 37 8.30 7.37 -20.15
C HIS D 37 7.02 7.15 -20.95
N ASP D 38 6.80 7.96 -22.00
CA ASP D 38 5.61 7.94 -22.85
C ASP D 38 5.25 6.53 -23.31
N GLY D 39 4.02 6.11 -22.98
CA GLY D 39 3.51 4.78 -23.29
C GLY D 39 4.21 3.64 -22.57
N GLY D 40 4.84 3.96 -21.44
CA GLY D 40 5.59 3.00 -20.64
C GLY D 40 5.08 2.81 -19.22
N ALA D 41 5.78 1.98 -18.46
CA ALA D 41 5.44 1.65 -17.09
C ALA D 41 5.99 2.66 -16.09
N PRO D 42 5.16 3.18 -15.13
CA PRO D 42 5.72 4.06 -14.09
C PRO D 42 6.71 3.25 -13.24
N THR D 43 7.90 3.81 -13.01
CA THR D 43 8.96 3.12 -12.27
C THR D 43 9.32 3.85 -10.99
N PHE D 44 9.39 3.12 -9.87
CA PHE D 44 9.72 3.68 -8.56
C PHE D 44 11.06 4.42 -8.49
N LEU D 45 11.05 5.61 -7.90
CA LEU D 45 12.27 6.39 -7.73
C LEU D 45 12.69 6.43 -6.26
N SER D 46 11.80 6.89 -5.37
CA SER D 46 12.07 7.03 -3.95
C SER D 46 10.80 7.08 -3.11
N TYR D 47 10.93 6.81 -1.80
CA TYR D 47 9.80 6.80 -0.86
C TYR D 47 10.22 7.51 0.43
N ASN D 48 9.39 8.47 0.89
CA ASN D 48 9.60 9.17 2.14
C ASN D 48 8.44 8.86 3.08
N ALA D 49 8.71 8.15 4.18
CA ALA D 49 7.71 7.84 5.21
C ALA D 49 7.86 8.88 6.32
N LEU D 50 9.07 8.98 6.88
CA LEU D 50 9.43 9.94 7.91
C LEU D 50 10.03 11.17 7.22
N ASP D 51 10.17 12.28 7.97
CA ASP D 51 10.81 13.52 7.51
C ASP D 51 12.28 13.22 7.23
N GLY D 52 12.80 13.81 6.17
CA GLY D 52 14.19 13.62 5.80
C GLY D 52 14.46 13.62 4.32
N LEU D 53 15.66 13.19 3.96
CA LEU D 53 16.11 13.15 2.58
C LEU D 53 16.52 11.75 2.16
N GLU D 54 15.97 11.30 1.02
CA GLU D 54 16.28 10.03 0.39
C GLU D 54 17.19 10.32 -0.79
N GLU D 55 18.40 9.72 -0.82
CA GLU D 55 19.37 9.95 -1.88
C GLU D 55 19.68 8.66 -2.64
N THR D 56 19.41 8.67 -3.97
CA THR D 56 19.64 7.51 -4.84
C THR D 56 20.32 8.03 -6.11
N GLY D 57 21.65 7.93 -6.15
CA GLY D 57 22.46 8.42 -7.25
C GLY D 57 22.27 9.90 -7.50
N ARG D 58 21.89 10.25 -8.74
CA ARG D 58 21.65 11.62 -9.19
C ARG D 58 20.33 12.21 -8.65
N PHE D 59 19.40 11.35 -8.22
CA PHE D 59 18.09 11.78 -7.74
C PHE D 59 17.99 11.78 -6.22
N SER D 60 17.15 12.67 -5.67
CA SER D 60 16.90 12.78 -4.24
C SER D 60 15.48 13.29 -3.98
N SER D 61 14.88 12.90 -2.85
CA SER D 61 13.55 13.35 -2.49
C SER D 61 13.48 13.70 -1.02
N PHE D 62 12.84 14.82 -0.71
CA PHE D 62 12.73 15.38 0.63
C PHE D 62 11.29 15.38 1.09
N LEU D 63 11.08 15.36 2.41
CA LEU D 63 9.76 15.42 3.02
C LEU D 63 9.74 16.26 4.29
N SER D 64 8.70 17.10 4.40
CA SER D 64 8.39 17.90 5.56
C SER D 64 6.90 17.71 5.82
N ARG D 65 6.58 16.80 6.75
CA ARG D 65 5.21 16.43 7.13
C ARG D 65 4.43 17.60 7.75
N SER D 66 5.11 18.44 8.57
CA SER D 66 4.46 19.60 9.21
C SER D 66 4.06 20.68 8.20
N ASP D 67 4.85 20.83 7.12
CA ASP D 67 4.59 21.79 6.05
C ASP D 67 3.79 21.17 4.89
N SER D 68 3.43 19.87 5.01
CA SER D 68 2.67 19.08 4.04
C SER D 68 3.20 19.17 2.59
N TYR D 69 4.52 19.01 2.44
CA TYR D 69 5.17 19.06 1.13
C TYR D 69 6.41 18.19 1.05
N GLY D 70 6.77 17.87 -0.18
CA GLY D 70 7.95 17.12 -0.55
C GLY D 70 8.41 17.55 -1.91
N TYR D 71 9.64 17.20 -2.29
CA TYR D 71 10.16 17.53 -3.60
C TYR D 71 11.09 16.46 -4.11
N LEU D 72 11.28 16.42 -5.42
CA LEU D 72 12.19 15.53 -6.13
C LEU D 72 13.23 16.42 -6.81
N LEU D 73 14.51 16.17 -6.53
CA LEU D 73 15.60 16.93 -7.13
C LEU D 73 16.43 16.04 -8.04
N LEU D 74 16.45 16.37 -9.33
CA LEU D 74 17.21 15.64 -10.35
C LEU D 74 18.46 16.43 -10.70
N GLN D 75 19.64 15.82 -10.55
CA GLN D 75 20.94 16.46 -10.81
C GLN D 75 21.66 15.83 -11.99
N GLU D 76 22.63 16.56 -12.61
CA GLU D 76 23.42 16.15 -13.78
C GLU D 76 22.50 15.55 -14.85
N LEU D 77 21.46 16.32 -15.22
CA LEU D 77 20.41 15.93 -16.15
C LEU D 77 20.91 15.39 -17.48
N GLN D 78 20.31 14.27 -17.89
CA GLN D 78 20.61 13.56 -19.14
C GLN D 78 19.37 13.58 -20.03
N MET D 79 19.53 13.27 -21.33
CA MET D 79 18.43 13.23 -22.30
C MET D 79 17.38 12.19 -21.94
N LYS D 80 17.82 11.06 -21.36
CA LYS D 80 16.97 9.95 -20.94
C LYS D 80 16.05 10.33 -19.77
N ASP D 81 16.33 11.47 -19.08
CA ASP D 81 15.52 11.97 -17.96
C ASP D 81 14.22 12.62 -18.41
N SER D 82 14.08 12.92 -19.73
CA SER D 82 12.85 13.49 -20.28
C SER D 82 11.76 12.43 -20.16
N ALA D 83 10.79 12.69 -19.26
CA ALA D 83 9.67 11.81 -18.94
C ALA D 83 8.68 12.55 -18.06
N SER D 84 7.62 11.85 -17.60
CA SER D 84 6.64 12.39 -16.67
C SER D 84 7.01 11.89 -15.27
N TYR D 85 7.01 12.81 -14.29
CA TYR D 85 7.34 12.51 -12.90
C TYR D 85 6.11 12.68 -12.05
N PHE D 86 5.72 11.60 -11.36
CA PHE D 86 4.52 11.61 -10.54
C PHE D 86 4.81 11.51 -9.06
N CYS D 87 4.23 12.41 -8.26
N CYS D 87 4.14 12.37 -8.30
CA CYS D 87 4.33 12.26 -6.81
CA CYS D 87 4.17 12.42 -6.85
C CYS D 87 3.07 11.53 -6.38
C CYS D 87 3.00 11.53 -6.40
N ALA D 88 3.20 10.69 -5.35
CA ALA D 88 2.14 9.82 -4.86
C ALA D 88 2.01 9.87 -3.36
N VAL D 89 0.77 10.00 -2.86
CA VAL D 89 0.51 10.05 -1.42
C VAL D 89 -0.21 8.77 -0.95
N ASP D 90 0.30 8.20 0.14
CA ASP D 90 -0.27 7.05 0.82
C ASP D 90 -0.91 7.60 2.10
N THR D 91 -2.17 7.26 2.34
CA THR D 91 -2.92 7.79 3.50
C THR D 91 -3.50 6.69 4.40
N GLY D 92 -2.88 5.53 4.38
CA GLY D 92 -3.33 4.38 5.15
C GLY D 92 -4.13 3.45 4.26
N GLY D 93 -4.01 2.16 4.53
CA GLY D 93 -4.70 1.15 3.74
C GLY D 93 -3.87 0.70 2.57
N PHE D 94 -4.36 0.97 1.35
CA PHE D 94 -3.73 0.53 0.10
C PHE D 94 -3.94 1.47 -1.08
N LYS D 95 -4.99 2.31 -1.04
CA LYS D 95 -5.36 3.23 -2.10
C LYS D 95 -4.41 4.44 -2.15
N THR D 96 -3.57 4.47 -3.20
CA THR D 96 -2.57 5.51 -3.44
C THR D 96 -3.15 6.56 -4.40
N ILE D 97 -2.97 7.84 -4.04
CA ILE D 97 -3.42 8.97 -4.86
C ILE D 97 -2.19 9.51 -5.59
N PHE D 98 -2.23 9.51 -6.92
CA PHE D 98 -1.15 10.02 -7.74
C PHE D 98 -1.51 11.41 -8.25
N GLY D 99 -0.50 12.27 -8.39
CA GLY D 99 -0.67 13.60 -8.94
C GLY D 99 -0.85 13.55 -10.44
N ALA D 100 -1.29 14.66 -11.05
CA ALA D 100 -1.51 14.79 -12.50
C ALA D 100 -0.23 14.54 -13.31
N GLY D 101 0.93 14.73 -12.65
CA GLY D 101 2.25 14.52 -13.22
C GLY D 101 2.92 15.77 -13.75
N THR D 102 4.26 15.76 -13.71
CA THR D 102 5.09 16.86 -14.22
C THR D 102 5.88 16.34 -15.40
N ARG D 103 5.65 16.90 -16.59
CA ARG D 103 6.42 16.48 -17.75
C ARG D 103 7.71 17.29 -17.77
N LEU D 104 8.85 16.60 -17.79
CA LEU D 104 10.16 17.23 -17.84
C LEU D 104 10.71 17.14 -19.26
N PHE D 105 11.20 18.26 -19.79
CA PHE D 105 11.82 18.34 -21.11
C PHE D 105 13.29 18.68 -20.92
N VAL D 106 14.19 17.76 -21.32
CA VAL D 106 15.63 18.00 -21.22
C VAL D 106 16.15 18.46 -22.59
N LYS D 107 16.65 19.70 -22.65
CA LYS D 107 17.17 20.31 -23.88
C LYS D 107 18.62 19.93 -24.09
N ALA D 108 18.92 19.42 -25.29
CA ALA D 108 20.28 19.00 -25.66
C ALA D 108 21.21 20.17 -25.86
N ASN D 109 22.40 20.11 -25.26
CA ASN D 109 23.41 21.16 -25.42
C ASN D 109 24.15 20.91 -26.75
N ILE D 110 23.81 21.68 -27.79
CA ILE D 110 24.45 21.56 -29.10
C ILE D 110 25.69 22.44 -29.13
N GLN D 111 26.86 21.78 -29.10
CA GLN D 111 28.18 22.42 -29.09
C GLN D 111 28.52 23.10 -30.40
N ASN D 112 28.37 22.37 -31.53
CA ASN D 112 28.71 22.89 -32.85
C ASN D 112 27.49 22.92 -33.80
N PRO D 113 26.63 23.97 -33.73
CA PRO D 113 25.47 24.03 -34.63
C PRO D 113 25.86 24.23 -36.08
N ASP D 114 25.18 23.50 -36.97
CA ASP D 114 25.37 23.54 -38.42
C ASP D 114 23.98 23.42 -39.09
N PRO D 115 23.05 24.40 -38.87
CA PRO D 115 21.70 24.27 -39.45
C PRO D 115 21.68 24.09 -40.97
N ALA D 116 20.89 23.11 -41.45
CA ALA D 116 20.78 22.78 -42.88
C ALA D 116 19.49 22.03 -43.21
N VAL D 117 18.97 22.26 -44.44
CA VAL D 117 17.77 21.59 -44.96
C VAL D 117 18.19 20.73 -46.16
N TYR D 118 18.17 19.40 -45.98
CA TYR D 118 18.57 18.43 -47.00
C TYR D 118 17.36 17.72 -47.62
N GLN D 119 17.53 17.16 -48.84
CA GLN D 119 16.49 16.42 -49.56
C GLN D 119 16.83 14.93 -49.64
N LEU D 120 15.87 14.07 -49.29
CA LEU D 120 16.02 12.61 -49.34
C LEU D 120 15.12 12.00 -50.42
N ARG D 121 15.54 10.85 -50.99
CA ARG D 121 14.78 10.14 -52.03
C ARG D 121 14.43 8.70 -51.65
N ASP D 122 13.29 8.21 -52.17
CA ASP D 122 12.75 6.87 -51.94
C ASP D 122 13.21 5.87 -53.03
N SER D 123 12.97 4.56 -52.80
CA SER D 123 13.29 3.47 -53.73
C SER D 123 12.37 3.54 -54.96
N LYS D 124 11.09 3.89 -54.72
CA LYS D 124 10.05 4.09 -55.74
C LYS D 124 9.36 5.42 -55.42
N SER D 125 9.83 6.50 -56.07
CA SER D 125 9.36 7.88 -55.87
C SER D 125 7.98 8.21 -56.50
N SER D 126 7.10 7.19 -56.60
CA SER D 126 5.73 7.33 -57.12
C SER D 126 4.76 7.78 -56.00
N ASP D 127 5.31 8.27 -54.86
CA ASP D 127 4.57 8.71 -53.68
C ASP D 127 4.81 10.20 -53.33
N LYS D 128 5.98 10.53 -52.72
CA LYS D 128 6.35 11.89 -52.27
C LYS D 128 7.88 12.09 -52.10
N SER D 129 8.28 13.26 -51.54
CA SER D 129 9.66 13.64 -51.25
C SER D 129 9.80 14.18 -49.82
N VAL D 130 10.92 13.84 -49.16
CA VAL D 130 11.22 14.21 -47.77
C VAL D 130 12.32 15.28 -47.66
N CYS D 131 12.10 16.27 -46.76
CA CYS D 131 13.02 17.36 -46.44
C CYS D 131 13.40 17.28 -44.97
N LEU D 132 14.70 17.32 -44.66
CA LEU D 132 15.19 17.22 -43.29
C LEU D 132 15.95 18.45 -42.80
N PHE D 133 15.35 19.19 -41.85
CA PHE D 133 15.97 20.33 -41.20
C PHE D 133 16.70 19.74 -40.00
N THR D 134 18.04 19.83 -39.99
CA THR D 134 18.86 19.22 -38.95
C THR D 134 20.04 20.10 -38.49
N ASP D 135 20.67 19.68 -37.37
CA ASP D 135 21.87 20.24 -36.72
C ASP D 135 21.70 21.67 -36.19
N PHE D 136 20.46 22.08 -35.91
CA PHE D 136 20.16 23.41 -35.34
C PHE D 136 20.25 23.35 -33.82
N ASP D 137 20.44 24.52 -33.16
CA ASP D 137 20.52 24.61 -31.70
C ASP D 137 19.15 24.35 -31.07
N SER D 138 19.12 23.90 -29.80
CA SER D 138 17.90 23.56 -29.06
C SER D 138 16.95 24.74 -28.80
N GLN D 139 17.40 25.99 -29.04
CA GLN D 139 16.61 27.20 -28.87
C GLN D 139 15.72 27.47 -30.10
N THR D 140 16.09 26.88 -31.27
CA THR D 140 15.36 27.01 -32.54
C THR D 140 13.99 26.32 -32.44
N ASN D 141 12.93 27.04 -32.86
CA ASN D 141 11.55 26.56 -32.83
C ASN D 141 11.08 26.16 -34.22
N VAL D 142 10.38 25.01 -34.31
CA VAL D 142 9.81 24.51 -35.56
C VAL D 142 8.28 24.55 -35.49
N SER D 143 7.65 25.21 -36.48
CA SER D 143 6.20 25.36 -36.54
C SER D 143 5.59 24.63 -37.74
N GLN D 144 4.26 24.44 -37.72
CA GLN D 144 3.50 23.77 -38.78
C GLN D 144 3.46 24.60 -40.07
N SER D 145 3.22 23.93 -41.21
CA SER D 145 3.15 24.59 -42.52
C SER D 145 1.83 25.28 -42.75
N LYS D 146 1.85 26.36 -43.56
CA LYS D 146 0.66 27.13 -43.96
C LYS D 146 -0.20 26.26 -44.88
N ASP D 147 0.47 25.52 -45.80
CA ASP D 147 -0.14 24.59 -46.77
C ASP D 147 -0.79 23.42 -46.04
N SER D 148 -1.99 23.03 -46.48
CA SER D 148 -2.74 21.91 -45.93
C SER D 148 -2.15 20.57 -46.43
N ASP D 149 -1.43 20.61 -47.57
CA ASP D 149 -0.81 19.44 -48.20
C ASP D 149 0.65 19.21 -47.76
N VAL D 150 1.22 20.08 -46.91
CA VAL D 150 2.59 19.95 -46.40
C VAL D 150 2.57 19.57 -44.92
N TYR D 151 3.15 18.40 -44.59
CA TYR D 151 3.24 17.87 -43.23
C TYR D 151 4.61 18.13 -42.63
N ILE D 152 4.66 18.75 -41.44
CA ILE D 152 5.91 19.01 -40.72
C ILE D 152 5.85 18.36 -39.35
N THR D 153 6.83 17.50 -39.03
CA THR D 153 6.92 16.82 -37.74
C THR D 153 7.53 17.77 -36.72
N ASP D 154 7.40 17.43 -35.42
CA ASP D 154 8.03 18.19 -34.36
C ASP D 154 9.48 17.72 -34.27
N LYS D 155 10.34 18.50 -33.60
CA LYS D 155 11.75 18.15 -33.45
C LYS D 155 11.97 17.00 -32.44
N CYS D 156 13.15 16.38 -32.59
N CYS D 156 13.11 16.30 -32.54
CA CYS D 156 13.65 15.15 -31.98
CA CYS D 156 13.54 15.26 -31.60
C CYS D 156 15.16 15.22 -31.74
C CYS D 156 15.03 15.01 -31.72
N VAL D 157 15.68 14.73 -30.58
CA VAL D 157 17.14 14.60 -30.39
C VAL D 157 17.67 13.17 -30.50
N LEU D 158 18.53 12.91 -31.50
CA LEU D 158 19.17 11.60 -31.64
C LEU D 158 20.55 11.65 -30.98
N ASP D 159 21.00 10.53 -30.42
CA ASP D 159 22.30 10.42 -29.77
C ASP D 159 23.17 9.36 -30.41
N MET D 160 24.24 9.80 -31.10
CA MET D 160 25.24 8.93 -31.71
C MET D 160 26.29 8.70 -30.61
N ARG D 161 25.97 7.74 -29.73
CA ARG D 161 26.74 7.36 -28.53
C ARG D 161 28.24 7.15 -28.76
N SER D 162 28.61 6.39 -29.82
CA SER D 162 30.00 6.08 -30.17
C SER D 162 30.81 7.34 -30.48
N MET D 163 30.19 8.30 -31.20
CA MET D 163 30.81 9.56 -31.59
C MET D 163 30.61 10.71 -30.60
N ASP D 164 29.84 10.47 -29.49
CA ASP D 164 29.48 11.46 -28.44
C ASP D 164 28.91 12.72 -29.12
N PHE D 165 27.95 12.50 -30.03
CA PHE D 165 27.33 13.55 -30.83
C PHE D 165 25.79 13.48 -30.74
N LYS D 166 25.17 14.64 -30.54
CA LYS D 166 23.72 14.78 -30.47
C LYS D 166 23.23 15.82 -31.45
N SER D 167 22.10 15.53 -32.13
CA SER D 167 21.53 16.45 -33.11
C SER D 167 20.02 16.48 -33.15
N ASN D 168 19.46 17.69 -33.33
CA ASN D 168 18.03 17.94 -33.46
C ASN D 168 17.66 17.79 -34.93
N SER D 169 16.42 17.38 -35.23
CA SER D 169 15.93 17.27 -36.60
C SER D 169 14.40 17.32 -36.72
N ALA D 170 13.91 17.89 -37.83
CA ALA D 170 12.49 18.00 -38.16
C ALA D 170 12.30 17.55 -39.61
N VAL D 171 11.24 16.77 -39.86
CA VAL D 171 10.93 16.20 -41.18
C VAL D 171 9.72 16.90 -41.81
N ALA D 172 9.84 17.23 -43.11
CA ALA D 172 8.78 17.85 -43.90
C ALA D 172 8.55 17.06 -45.18
N TRP D 173 7.27 16.83 -45.56
CA TRP D 173 6.92 16.10 -46.78
C TRP D 173 5.60 16.55 -47.39
N SER D 174 5.46 16.30 -48.71
CA SER D 174 4.29 16.61 -49.54
C SER D 174 4.39 15.87 -50.87
N ASN D 175 3.25 15.47 -51.43
CA ASN D 175 3.19 14.77 -52.73
C ASN D 175 3.12 15.77 -53.89
N LYS D 176 2.75 17.04 -53.59
CA LYS D 176 2.62 18.13 -54.55
C LYS D 176 3.98 18.52 -55.18
N SER D 177 3.96 18.81 -56.50
CA SER D 177 5.13 19.22 -57.29
C SER D 177 5.65 20.62 -56.91
N ASP D 178 4.78 21.45 -56.30
CA ASP D 178 5.08 22.82 -55.82
C ASP D 178 6.10 22.77 -54.67
N PHE D 179 6.07 21.70 -53.86
CA PHE D 179 6.92 21.46 -52.70
C PHE D 179 8.41 21.37 -53.03
N ALA D 180 9.22 22.16 -52.29
CA ALA D 180 10.68 22.23 -52.41
C ALA D 180 11.30 22.51 -51.04
N CYS D 181 12.58 22.12 -50.86
CA CYS D 181 13.35 22.29 -49.62
C CYS D 181 13.46 23.74 -49.17
N ALA D 182 13.65 24.67 -50.14
CA ALA D 182 13.80 26.11 -49.90
C ALA D 182 12.57 26.72 -49.22
N ASN D 183 11.35 26.29 -49.62
CA ASN D 183 10.10 26.79 -49.05
C ASN D 183 9.54 25.93 -47.90
N ALA D 184 9.98 24.66 -47.80
CA ALA D 184 9.54 23.64 -46.82
C ALA D 184 9.33 24.15 -45.39
N PHE D 185 10.30 24.90 -44.83
CA PHE D 185 10.24 25.41 -43.45
C PHE D 185 10.12 26.95 -43.36
N ASN D 186 9.38 27.58 -44.30
CA ASN D 186 9.18 29.03 -44.37
C ASN D 186 8.42 29.62 -43.18
N ASN D 187 7.44 28.87 -42.62
CA ASN D 187 6.63 29.31 -41.49
C ASN D 187 7.40 29.32 -40.16
N SER D 188 8.59 28.69 -40.12
CA SER D 188 9.45 28.62 -38.95
C SER D 188 10.53 29.72 -39.01
N ILE D 189 11.04 30.15 -37.84
CA ILE D 189 12.10 31.16 -37.79
C ILE D 189 13.43 30.39 -37.72
N ILE D 190 13.97 30.06 -38.91
CA ILE D 190 15.22 29.31 -39.06
C ILE D 190 16.45 30.24 -39.00
N PRO D 191 17.64 29.79 -38.53
CA PRO D 191 18.81 30.68 -38.47
C PRO D 191 19.22 31.28 -39.83
N GLU D 192 19.90 32.44 -39.81
CA GLU D 192 20.36 33.15 -41.01
C GLU D 192 21.43 32.34 -41.77
N ASP D 193 22.26 31.59 -41.03
CA ASP D 193 23.35 30.76 -41.53
C ASP D 193 22.93 29.32 -41.94
N THR D 194 21.61 29.07 -42.14
CA THR D 194 21.09 27.76 -42.56
C THR D 194 21.57 27.40 -43.95
N PHE D 195 22.22 26.23 -44.08
CA PHE D 195 22.78 25.71 -45.32
C PHE D 195 21.73 25.12 -46.25
N PHE D 196 21.77 25.52 -47.53
CA PHE D 196 20.84 25.07 -48.56
C PHE D 196 21.61 24.66 -49.82
N ALA D 197 21.75 23.34 -50.06
CA ALA D 197 22.41 22.81 -51.24
C ALA D 197 21.41 22.64 -52.37
N ALA D 198 21.87 22.68 -53.65
CA ALA D 198 21.00 22.53 -54.81
C ALA D 198 21.69 21.77 -55.94
N GLY E 1 10.05 -8.53 -13.95
CA GLY E 1 9.07 -7.48 -13.74
C GLY E 1 7.64 -7.88 -14.06
N VAL E 2 6.70 -6.94 -13.87
CA VAL E 2 5.27 -7.15 -14.13
C VAL E 2 5.03 -7.07 -15.66
N SER E 3 4.29 -8.05 -16.21
CA SER E 3 3.96 -8.06 -17.64
C SER E 3 2.45 -7.88 -17.87
N GLN E 4 2.08 -7.27 -19.00
CA GLN E 4 0.69 -7.03 -19.39
C GLN E 4 0.45 -7.35 -20.87
N SER E 5 -0.75 -7.85 -21.18
CA SER E 5 -1.15 -8.19 -22.55
C SER E 5 -2.65 -7.92 -22.79
N PRO E 6 -3.04 -7.43 -23.99
CA PRO E 6 -2.17 -7.01 -25.12
C PRO E 6 -1.57 -5.62 -24.83
N ARG E 7 -0.53 -5.21 -25.56
CA ARG E 7 0.06 -3.88 -25.34
C ARG E 7 -0.93 -2.80 -25.78
N TYR E 8 -1.64 -3.05 -26.88
CA TYR E 8 -2.64 -2.16 -27.45
C TYR E 8 -3.86 -2.98 -27.80
N LYS E 9 -5.04 -2.33 -27.80
CA LYS E 9 -6.30 -2.98 -28.17
C LYS E 9 -7.29 -1.96 -28.73
N VAL E 10 -7.84 -2.28 -29.91
CA VAL E 10 -8.90 -1.49 -30.53
C VAL E 10 -10.16 -2.38 -30.48
N ALA E 11 -11.23 -1.85 -29.90
CA ALA E 11 -12.47 -2.61 -29.75
C ALA E 11 -13.67 -1.87 -30.28
N LYS E 12 -14.66 -2.62 -30.76
CA LYS E 12 -15.91 -2.07 -31.25
C LYS E 12 -16.88 -1.95 -30.07
N ARG E 13 -17.54 -0.78 -29.96
CA ARG E 13 -18.54 -0.45 -28.94
C ARG E 13 -19.55 -1.59 -28.85
N GLY E 14 -19.73 -2.16 -27.66
CA GLY E 14 -20.65 -3.27 -27.43
C GLY E 14 -20.01 -4.64 -27.31
N GLN E 15 -18.76 -4.78 -27.81
CA GLN E 15 -18.02 -6.03 -27.74
C GLN E 15 -17.27 -6.12 -26.40
N ASP E 16 -17.01 -7.34 -25.92
CA ASP E 16 -16.32 -7.57 -24.65
C ASP E 16 -14.80 -7.56 -24.81
N VAL E 17 -14.10 -7.07 -23.78
CA VAL E 17 -12.64 -6.96 -23.77
C VAL E 17 -12.05 -7.63 -22.52
N ALA E 18 -10.91 -8.32 -22.66
CA ALA E 18 -10.20 -9.00 -21.57
C ALA E 18 -8.73 -8.51 -21.51
N LEU E 19 -8.34 -7.91 -20.38
CA LEU E 19 -6.98 -7.37 -20.16
C LEU E 19 -6.26 -8.26 -19.16
N ARG E 20 -5.06 -8.72 -19.53
CA ARG E 20 -4.28 -9.64 -18.72
C ARG E 20 -3.10 -8.96 -18.02
N CYS E 21 -2.83 -9.41 -16.78
CA CYS E 21 -1.71 -8.96 -15.97
C CYS E 21 -1.01 -10.15 -15.34
N ASP E 22 0.32 -10.22 -15.49
CA ASP E 22 1.15 -11.25 -14.86
C ASP E 22 2.13 -10.53 -13.91
N PRO E 23 1.84 -10.49 -12.59
CA PRO E 23 2.73 -9.77 -11.66
C PRO E 23 3.96 -10.56 -11.25
N ILE E 24 4.84 -9.93 -10.45
CA ILE E 24 6.06 -10.56 -9.96
C ILE E 24 5.68 -11.73 -9.03
N SER E 25 6.31 -12.91 -9.23
CA SER E 25 6.06 -14.13 -8.45
C SER E 25 6.24 -13.84 -6.96
N GLY E 26 5.32 -14.34 -6.14
CA GLY E 26 5.35 -14.18 -4.70
C GLY E 26 4.75 -12.89 -4.17
N HIS E 27 4.52 -11.89 -5.03
CA HIS E 27 3.92 -10.61 -4.63
C HIS E 27 2.47 -10.82 -4.21
N VAL E 28 2.17 -10.51 -2.95
CA VAL E 28 0.87 -10.66 -2.30
C VAL E 28 -0.16 -9.66 -2.85
N SER E 29 0.22 -8.38 -2.94
CA SER E 29 -0.63 -7.28 -3.38
C SER E 29 -0.67 -7.07 -4.88
N LEU E 30 -1.88 -6.85 -5.43
CA LEU E 30 -2.09 -6.54 -6.84
C LEU E 30 -3.07 -5.38 -6.94
N PHE E 31 -2.71 -4.40 -7.77
CA PHE E 31 -3.50 -3.20 -8.02
C PHE E 31 -3.84 -3.12 -9.50
N TRP E 32 -4.97 -2.51 -9.83
CA TRP E 32 -5.37 -2.16 -11.19
C TRP E 32 -5.62 -0.66 -11.14
N TYR E 33 -5.10 0.05 -12.13
CA TYR E 33 -5.22 1.50 -12.28
C TYR E 33 -5.68 1.85 -13.68
N GLN E 34 -6.37 2.99 -13.79
CA GLN E 34 -6.80 3.57 -15.04
C GLN E 34 -5.97 4.85 -15.21
N GLN E 35 -5.41 5.07 -16.41
CA GLN E 35 -4.64 6.29 -16.67
C GLN E 35 -5.19 6.99 -17.90
N ALA E 36 -5.73 8.20 -17.71
CA ALA E 36 -6.26 9.06 -18.77
C ALA E 36 -5.14 10.00 -19.24
N LEU E 37 -5.24 10.46 -20.50
CA LEU E 37 -4.27 11.34 -21.17
C LEU E 37 -3.91 12.58 -20.34
N GLY E 38 -2.62 12.75 -20.07
CA GLY E 38 -2.08 13.85 -19.29
C GLY E 38 -2.40 13.83 -17.82
N GLN E 39 -2.74 12.64 -17.27
CA GLN E 39 -3.08 12.47 -15.85
C GLN E 39 -2.34 11.31 -15.20
N GLY E 40 -2.46 11.23 -13.88
CA GLY E 40 -1.85 10.18 -13.09
C GLY E 40 -2.72 8.94 -13.02
N PRO E 41 -2.13 7.78 -12.64
CA PRO E 41 -2.95 6.57 -12.49
C PRO E 41 -3.99 6.73 -11.38
N GLU E 42 -5.24 6.31 -11.66
N GLU E 42 -5.23 6.29 -11.65
CA GLU E 42 -6.35 6.36 -10.71
CA GLU E 42 -6.34 6.34 -10.71
C GLU E 42 -6.77 4.95 -10.31
C GLU E 42 -6.71 4.91 -10.30
N PHE E 43 -6.81 4.68 -8.98
CA PHE E 43 -7.14 3.38 -8.37
C PHE E 43 -8.42 2.75 -8.88
N LEU E 44 -8.35 1.46 -9.25
CA LEU E 44 -9.53 0.73 -9.72
C LEU E 44 -9.94 -0.32 -8.71
N THR E 45 -9.04 -1.28 -8.44
CA THR E 45 -9.31 -2.41 -7.54
C THR E 45 -8.03 -2.93 -6.87
N TYR E 46 -8.19 -3.60 -5.70
CA TYR E 46 -7.09 -4.13 -4.91
C TYR E 46 -7.28 -5.60 -4.51
N PHE E 47 -6.20 -6.38 -4.64
CA PHE E 47 -6.15 -7.81 -4.29
C PHE E 47 -4.96 -8.10 -3.36
N GLN E 48 -5.16 -9.05 -2.46
CA GLN E 48 -4.13 -9.64 -1.60
C GLN E 48 -4.39 -11.11 -1.76
N ASN E 49 -3.46 -11.80 -2.44
CA ASN E 49 -3.60 -13.19 -2.86
C ASN E 49 -4.80 -13.25 -3.81
N GLU E 50 -5.76 -14.17 -3.62
CA GLU E 50 -6.93 -14.29 -4.49
C GLU E 50 -8.09 -13.36 -4.08
N ALA E 51 -8.06 -12.85 -2.84
CA ALA E 51 -9.12 -12.00 -2.30
C ALA E 51 -9.13 -10.57 -2.84
N GLN E 52 -10.28 -10.17 -3.44
CA GLN E 52 -10.51 -8.81 -3.93
C GLN E 52 -11.02 -8.04 -2.72
N LEU E 53 -10.16 -7.20 -2.13
CA LEU E 53 -10.50 -6.46 -0.91
C LEU E 53 -11.25 -5.16 -1.16
N ASP E 54 -11.11 -4.60 -2.37
CA ASP E 54 -11.75 -3.34 -2.74
C ASP E 54 -11.88 -3.23 -4.26
N LYS E 55 -13.02 -2.68 -4.72
CA LYS E 55 -13.29 -2.44 -6.14
C LYS E 55 -14.03 -1.10 -6.33
N SER E 56 -13.86 -0.17 -5.36
CA SER E 56 -14.48 1.16 -5.33
C SER E 56 -14.14 2.08 -6.51
N GLY E 57 -12.99 1.84 -7.15
CA GLY E 57 -12.52 2.64 -8.28
C GLY E 57 -13.06 2.25 -9.65
N LEU E 58 -13.68 1.05 -9.78
CA LEU E 58 -14.26 0.59 -11.05
C LEU E 58 -15.35 1.56 -11.54
N PRO E 59 -15.27 2.03 -12.82
CA PRO E 59 -16.23 3.05 -13.29
C PRO E 59 -17.66 2.58 -13.50
N SER E 60 -17.83 1.27 -13.71
CA SER E 60 -19.12 0.65 -13.98
C SER E 60 -19.12 -0.78 -13.49
N ASP E 61 -20.33 -1.38 -13.34
CA ASP E 61 -20.45 -2.78 -12.97
C ASP E 61 -20.12 -3.68 -14.17
N ARG E 62 -19.94 -3.06 -15.37
CA ARG E 62 -19.51 -3.73 -16.61
C ARG E 62 -18.06 -4.20 -16.49
N PHE E 63 -17.31 -3.63 -15.52
CA PHE E 63 -15.90 -3.96 -15.25
C PHE E 63 -15.84 -5.07 -14.19
N PHE E 64 -15.06 -6.12 -14.46
CA PHE E 64 -14.93 -7.26 -13.56
C PHE E 64 -13.49 -7.72 -13.47
N ALA E 65 -12.93 -7.71 -12.26
CA ALA E 65 -11.55 -8.14 -11.99
C ALA E 65 -11.49 -9.45 -11.23
N GLU E 66 -10.50 -10.28 -11.57
CA GLU E 66 -10.29 -11.59 -10.99
C GLU E 66 -8.80 -11.89 -10.87
N ARG E 67 -8.43 -12.68 -9.86
CA ARG E 67 -7.08 -13.19 -9.61
C ARG E 67 -7.33 -14.55 -8.93
N PRO E 68 -7.91 -15.55 -9.67
CA PRO E 68 -8.37 -16.80 -9.04
C PRO E 68 -7.34 -17.62 -8.25
N GLU E 69 -6.08 -17.65 -8.70
CA GLU E 69 -5.02 -18.42 -8.04
C GLU E 69 -4.06 -17.52 -7.23
N GLY E 70 -4.37 -16.23 -7.14
CA GLY E 70 -3.55 -15.25 -6.44
C GLY E 70 -2.26 -14.88 -7.16
N SER E 71 -2.20 -15.11 -8.48
CA SER E 71 -1.04 -14.78 -9.29
C SER E 71 -1.52 -13.91 -10.46
N VAL E 72 -1.77 -14.52 -11.63
CA VAL E 72 -2.24 -13.82 -12.84
C VAL E 72 -3.61 -13.19 -12.58
N SER E 73 -3.83 -11.96 -13.07
CA SER E 73 -5.08 -11.24 -12.92
C SER E 73 -5.65 -10.80 -14.27
N THR E 74 -6.99 -10.79 -14.37
N THR E 74 -7.00 -10.79 -14.37
CA THR E 74 -7.69 -10.35 -15.57
CA THR E 74 -7.69 -10.38 -15.59
C THR E 74 -8.64 -9.21 -15.24
C THR E 74 -8.70 -9.26 -15.29
N LEU E 75 -8.73 -8.22 -16.13
CA LEU E 75 -9.65 -7.11 -16.01
C LEU E 75 -10.54 -7.19 -17.26
N LYS E 76 -11.79 -7.62 -17.04
CA LYS E 76 -12.75 -7.83 -18.11
C LYS E 76 -13.75 -6.69 -18.18
N ILE E 77 -13.98 -6.17 -19.40
CA ILE E 77 -14.93 -5.08 -19.64
C ILE E 77 -16.00 -5.59 -20.59
N GLN E 78 -17.24 -5.70 -20.06
CA GLN E 78 -18.40 -6.15 -20.80
C GLN E 78 -19.02 -4.98 -21.52
N ARG E 79 -19.57 -5.23 -22.74
CA ARG E 79 -20.28 -4.25 -23.56
C ARG E 79 -19.54 -2.89 -23.58
N THR E 80 -18.26 -2.89 -24.00
CA THR E 80 -17.39 -1.70 -24.03
C THR E 80 -18.03 -0.47 -24.63
N GLN E 81 -17.73 0.70 -24.02
CA GLN E 81 -18.21 2.01 -24.44
C GLN E 81 -17.00 2.90 -24.72
N GLN E 82 -17.19 3.98 -25.50
CA GLN E 82 -16.12 4.93 -25.84
C GLN E 82 -15.43 5.51 -24.60
N GLU E 83 -16.18 5.73 -23.49
CA GLU E 83 -15.66 6.25 -22.23
C GLU E 83 -14.63 5.33 -21.55
N ASP E 84 -14.62 4.02 -21.92
CA ASP E 84 -13.69 3.02 -21.39
C ASP E 84 -12.28 3.17 -21.97
N SER E 85 -12.13 3.97 -23.05
CA SER E 85 -10.85 4.23 -23.71
C SER E 85 -9.87 4.90 -22.74
N ALA E 86 -8.78 4.18 -22.40
CA ALA E 86 -7.72 4.60 -21.47
C ALA E 86 -6.56 3.62 -21.50
N VAL E 87 -5.53 3.90 -20.68
CA VAL E 87 -4.41 3.02 -20.47
C VAL E 87 -4.71 2.33 -19.14
N TYR E 88 -4.71 1.00 -19.14
CA TYR E 88 -4.97 0.21 -17.95
C TYR E 88 -3.68 -0.35 -17.45
N LEU E 89 -3.31 0.04 -16.23
CA LEU E 89 -2.06 -0.34 -15.62
C LEU E 89 -2.28 -1.27 -14.47
N CYS E 90 -1.42 -2.28 -14.35
N CYS E 90 -1.38 -2.24 -14.34
CA CYS E 90 -1.49 -3.18 -13.19
CA CYS E 90 -1.40 -3.24 -13.27
C CYS E 90 -0.17 -3.07 -12.43
C CYS E 90 -0.13 -3.10 -12.45
N ALA E 91 -0.24 -3.22 -11.11
CA ALA E 91 0.93 -3.11 -10.24
C ALA E 91 0.92 -4.16 -9.15
N SER E 92 2.09 -4.48 -8.61
CA SER E 92 2.23 -5.42 -7.52
C SER E 92 3.19 -4.94 -6.44
N SER E 93 2.92 -5.35 -5.19
CA SER E 93 3.75 -5.00 -4.03
C SER E 93 4.03 -6.32 -3.31
N PRO E 94 5.25 -6.49 -2.76
CA PRO E 94 5.61 -7.78 -2.14
C PRO E 94 4.71 -8.31 -1.01
N THR E 95 4.42 -7.52 0.05
CA THR E 95 3.72 -8.03 1.24
C THR E 95 2.52 -7.21 1.78
N GLY E 96 2.02 -6.26 1.01
CA GLY E 96 0.90 -5.44 1.44
C GLY E 96 0.88 -4.02 0.91
N GLY E 97 -0.05 -3.23 1.42
CA GLY E 97 -0.24 -1.84 1.06
C GLY E 97 0.82 -0.91 1.61
N GLN E 98 0.85 0.35 1.13
CA GLN E 98 1.78 1.43 1.53
C GLN E 98 3.25 1.04 1.30
N GLU E 99 3.50 0.25 0.25
CA GLU E 99 4.83 -0.26 -0.11
C GLU E 99 5.20 0.24 -1.50
N THR E 100 6.44 -0.06 -1.93
CA THR E 100 6.96 0.22 -3.27
C THR E 100 6.07 -0.55 -4.25
N GLN E 101 5.65 0.10 -5.34
CA GLN E 101 4.82 -0.53 -6.35
C GLN E 101 5.58 -0.79 -7.62
N TYR E 102 5.40 -1.99 -8.19
CA TYR E 102 6.06 -2.45 -9.40
C TYR E 102 5.00 -2.53 -10.48
N PHE E 103 5.09 -1.68 -11.50
CA PHE E 103 4.09 -1.59 -12.56
C PHE E 103 4.41 -2.39 -13.81
N GLY E 104 3.36 -2.74 -14.54
CA GLY E 104 3.44 -3.39 -15.84
C GLY E 104 3.40 -2.32 -16.92
N PRO E 105 3.71 -2.66 -18.20
CA PRO E 105 3.71 -1.64 -19.27
C PRO E 105 2.33 -1.08 -19.68
N GLY E 106 1.26 -1.74 -19.23
CA GLY E 106 -0.10 -1.32 -19.52
C GLY E 106 -0.69 -1.80 -20.81
N THR E 107 -2.03 -1.66 -20.93
CA THR E 107 -2.80 -1.94 -22.12
C THR E 107 -3.45 -0.63 -22.51
N ARG E 108 -3.17 -0.16 -23.73
CA ARG E 108 -3.77 1.06 -24.25
C ARG E 108 -5.01 0.62 -25.03
N LEU E 109 -6.19 0.83 -24.42
CA LEU E 109 -7.48 0.44 -24.99
C LEU E 109 -8.22 1.62 -25.62
N LEU E 110 -8.70 1.41 -26.84
CA LEU E 110 -9.49 2.39 -27.58
C LEU E 110 -10.76 1.71 -28.04
N VAL E 111 -11.90 2.29 -27.68
CA VAL E 111 -13.20 1.76 -28.07
C VAL E 111 -13.80 2.70 -29.11
N LEU E 112 -14.14 2.17 -30.29
CA LEU E 112 -14.71 2.96 -31.40
C LEU E 112 -16.11 2.48 -31.71
N GLU E 113 -16.95 3.35 -32.34
CA GLU E 113 -18.31 3.00 -32.73
C GLU E 113 -18.33 1.72 -33.58
N ASP E 114 -17.38 1.63 -34.53
CA ASP E 114 -17.15 0.47 -35.40
C ASP E 114 -15.69 0.44 -35.88
N LEU E 115 -15.30 -0.58 -36.65
CA LEU E 115 -13.91 -0.73 -37.11
C LEU E 115 -13.71 -0.46 -38.62
N LYS E 116 -14.67 0.23 -39.28
CA LYS E 116 -14.64 0.55 -40.71
C LYS E 116 -13.42 1.37 -41.17
N ASN E 117 -12.88 2.25 -40.29
CA ASN E 117 -11.75 3.12 -40.62
C ASN E 117 -10.39 2.66 -40.08
N VAL E 118 -10.29 1.39 -39.66
CA VAL E 118 -9.04 0.83 -39.16
C VAL E 118 -8.13 0.51 -40.36
N PHE E 119 -6.90 1.05 -40.36
CA PHE E 119 -5.94 0.88 -41.46
C PHE E 119 -4.53 0.54 -40.98
N PRO E 120 -3.82 -0.41 -41.64
CA PRO E 120 -2.42 -0.66 -41.27
C PRO E 120 -1.52 0.44 -41.86
N PRO E 121 -0.26 0.64 -41.38
CA PRO E 121 0.57 1.69 -41.97
C PRO E 121 1.22 1.26 -43.29
N GLU E 122 1.68 2.27 -44.05
CA GLU E 122 2.47 2.10 -45.25
C GLU E 122 3.84 2.60 -44.83
N VAL E 123 4.87 1.78 -44.98
CA VAL E 123 6.22 2.11 -44.52
C VAL E 123 7.18 2.32 -45.69
N ALA E 124 7.93 3.44 -45.66
CA ALA E 124 8.88 3.82 -46.69
C ALA E 124 10.16 4.39 -46.08
N VAL E 125 11.33 3.99 -46.62
CA VAL E 125 12.63 4.49 -46.19
C VAL E 125 13.19 5.46 -47.23
N PHE E 126 13.74 6.58 -46.76
CA PHE E 126 14.30 7.63 -47.59
C PHE E 126 15.79 7.70 -47.31
N GLU E 127 16.58 7.42 -48.36
CA GLU E 127 18.04 7.36 -48.31
C GLU E 127 18.70 8.72 -48.05
N PRO E 128 19.85 8.76 -47.32
CA PRO E 128 20.51 10.04 -47.03
C PRO E 128 20.93 10.89 -48.21
N SER E 129 20.99 12.22 -48.01
CA SER E 129 21.41 13.19 -49.02
C SER E 129 22.91 13.11 -49.23
N GLU E 130 23.36 13.29 -50.48
CA GLU E 130 24.78 13.32 -50.81
C GLU E 130 25.36 14.63 -50.27
N ALA E 131 24.49 15.67 -50.17
CA ALA E 131 24.79 16.99 -49.65
C ALA E 131 25.11 16.92 -48.15
N GLU E 132 24.35 16.10 -47.38
CA GLU E 132 24.57 15.91 -45.95
C GLU E 132 25.91 15.23 -45.70
N ILE E 133 26.21 14.16 -46.49
CA ILE E 133 27.44 13.38 -46.44
C ILE E 133 28.68 14.25 -46.68
N SER E 134 28.66 15.09 -47.73
CA SER E 134 29.77 15.99 -48.09
C SER E 134 30.01 17.11 -47.08
N HIS E 135 28.92 17.59 -46.43
CA HIS E 135 28.96 18.70 -45.47
C HIS E 135 29.23 18.30 -44.02
N THR E 136 28.68 17.15 -43.56
CA THR E 136 28.81 16.71 -42.16
C THR E 136 29.60 15.41 -41.95
N GLN E 137 29.78 14.59 -43.02
CA GLN E 137 30.43 13.26 -42.98
C GLN E 137 29.55 12.27 -42.18
N LYS E 138 28.24 12.56 -42.15
CA LYS E 138 27.19 11.80 -41.47
C LYS E 138 26.03 11.60 -42.43
N ALA E 139 25.32 10.48 -42.30
CA ALA E 139 24.21 10.14 -43.17
C ALA E 139 22.94 9.79 -42.37
N THR E 140 21.85 10.54 -42.60
CA THR E 140 20.56 10.33 -41.94
C THR E 140 19.55 9.63 -42.85
N LEU E 141 19.05 8.49 -42.40
CA LEU E 141 17.99 7.72 -43.06
C LEU E 141 16.69 8.17 -42.41
N VAL E 142 15.61 8.31 -43.20
CA VAL E 142 14.32 8.71 -42.66
C VAL E 142 13.25 7.68 -43.00
N CYS E 143 12.45 7.28 -42.00
CA CYS E 143 11.35 6.34 -42.20
C CYS E 143 10.02 7.05 -41.99
N LEU E 144 9.08 6.82 -42.91
CA LEU E 144 7.73 7.37 -42.80
C LEU E 144 6.71 6.25 -42.75
N ALA E 145 5.93 6.20 -41.66
CA ALA E 145 4.84 5.26 -41.45
C ALA E 145 3.60 6.13 -41.68
N THR E 146 2.85 5.85 -42.75
CA THR E 146 1.70 6.68 -43.14
C THR E 146 0.39 5.92 -43.31
N GLY E 147 -0.72 6.66 -43.19
CA GLY E 147 -2.08 6.14 -43.36
C GLY E 147 -2.56 5.10 -42.37
N PHE E 148 -2.02 5.11 -41.14
CA PHE E 148 -2.46 4.15 -40.13
C PHE E 148 -3.52 4.70 -39.20
N TYR E 149 -4.46 3.84 -38.79
CA TYR E 149 -5.53 4.14 -37.85
C TYR E 149 -5.94 2.87 -37.12
N PRO E 150 -5.98 2.87 -35.77
CA PRO E 150 -5.69 3.99 -34.85
C PRO E 150 -4.20 4.17 -34.59
N ASP E 151 -3.83 5.09 -33.68
CA ASP E 151 -2.45 5.41 -33.29
C ASP E 151 -1.85 4.30 -32.39
N HIS E 152 -1.90 3.04 -32.84
CA HIS E 152 -1.41 1.89 -32.10
C HIS E 152 -0.28 1.20 -32.88
N VAL E 153 0.90 1.84 -32.87
CA VAL E 153 2.09 1.37 -33.60
C VAL E 153 3.35 1.40 -32.74
N GLU E 154 4.36 0.61 -33.16
CA GLU E 154 5.69 0.53 -32.55
C GLU E 154 6.73 0.50 -33.67
N LEU E 155 7.50 1.59 -33.79
CA LEU E 155 8.54 1.73 -34.82
C LEU E 155 9.90 1.33 -34.25
N SER E 156 10.68 0.56 -35.03
CA SER E 156 12.02 0.13 -34.67
C SER E 156 12.95 0.11 -35.89
N TRP E 157 14.25 0.35 -35.66
CA TRP E 157 15.28 0.32 -36.69
C TRP E 157 16.14 -0.92 -36.47
N TRP E 158 16.39 -1.66 -37.54
CA TRP E 158 17.19 -2.88 -37.51
C TRP E 158 18.36 -2.76 -38.46
N VAL E 159 19.59 -2.74 -37.91
CA VAL E 159 20.82 -2.64 -38.70
C VAL E 159 21.53 -3.99 -38.66
N ASN E 160 21.62 -4.64 -39.84
CA ASN E 160 22.23 -5.96 -40.04
C ASN E 160 21.62 -7.02 -39.11
N GLY E 161 20.27 -7.07 -39.12
CA GLY E 161 19.47 -8.01 -38.34
C GLY E 161 19.34 -7.75 -36.85
N LYS E 162 20.05 -6.73 -36.32
CA LYS E 162 20.03 -6.37 -34.90
C LYS E 162 19.30 -5.04 -34.71
N GLU E 163 18.42 -4.96 -33.69
CA GLU E 163 17.67 -3.74 -33.38
C GLU E 163 18.64 -2.70 -32.80
N VAL E 164 18.55 -1.46 -33.30
CA VAL E 164 19.43 -0.36 -32.86
C VAL E 164 18.66 0.77 -32.19
N HIS E 165 19.29 1.40 -31.18
CA HIS E 165 18.75 2.54 -30.45
C HIS E 165 19.67 3.74 -30.56
N SER E 166 20.98 3.51 -30.80
CA SER E 166 21.95 4.57 -30.98
C SER E 166 21.74 5.25 -32.33
N GLY E 167 21.75 6.59 -32.31
CA GLY E 167 21.54 7.43 -33.48
C GLY E 167 20.11 7.42 -34.01
N VAL E 168 19.16 6.85 -33.25
CA VAL E 168 17.75 6.69 -33.59
C VAL E 168 16.90 7.71 -32.84
N CYS E 169 15.94 8.32 -33.57
N CYS E 169 15.92 8.34 -33.52
CA CYS E 169 14.98 9.27 -33.05
CA CYS E 169 14.96 9.22 -32.84
C CYS E 169 13.64 9.22 -33.77
C CYS E 169 13.65 9.33 -33.66
N THR E 170 12.58 8.87 -33.02
CA THR E 170 11.22 8.78 -33.54
C THR E 170 10.35 9.83 -32.86
N ASP E 171 9.40 10.42 -33.61
CA ASP E 171 8.47 11.43 -33.09
C ASP E 171 7.71 10.92 -31.88
N PRO E 172 7.66 11.70 -30.78
CA PRO E 172 6.91 11.26 -29.59
C PRO E 172 5.42 11.09 -29.87
N GLN E 173 4.88 11.94 -30.74
CA GLN E 173 3.47 11.90 -31.13
C GLN E 173 3.32 11.91 -32.64
N PRO E 174 2.40 11.10 -33.22
CA PRO E 174 2.20 11.16 -34.68
C PRO E 174 1.36 12.37 -35.06
N LEU E 175 1.30 12.68 -36.35
CA LEU E 175 0.48 13.78 -36.85
C LEU E 175 -0.76 13.26 -37.58
N LYS E 176 -1.83 14.07 -37.62
CA LYS E 176 -3.07 13.73 -38.31
C LYS E 176 -2.93 14.14 -39.78
N GLU E 177 -3.16 13.18 -40.70
CA GLU E 177 -3.04 13.38 -42.14
C GLU E 177 -4.17 14.26 -42.70
N GLN E 178 -5.38 14.11 -42.14
CA GLN E 178 -6.56 14.89 -42.52
C GLN E 178 -7.11 15.55 -41.23
N PRO E 179 -6.56 16.71 -40.78
CA PRO E 179 -7.03 17.32 -39.52
C PRO E 179 -8.52 17.66 -39.46
N ALA E 180 -9.20 17.76 -40.62
CA ALA E 180 -10.63 18.03 -40.71
C ALA E 180 -11.46 16.81 -40.30
N LEU E 181 -10.91 15.58 -40.48
CA LEU E 181 -11.59 14.34 -40.12
C LEU E 181 -11.44 13.98 -38.65
N ASN E 182 -12.55 13.52 -38.03
CA ASN E 182 -12.57 13.09 -36.62
C ASN E 182 -11.92 11.72 -36.47
N ASP E 183 -11.90 10.91 -37.55
CA ASP E 183 -11.29 9.58 -37.61
C ASP E 183 -10.07 9.62 -38.55
N SER E 184 -9.34 10.76 -38.53
CA SER E 184 -8.15 11.02 -39.33
C SER E 184 -7.09 9.96 -39.17
N ARG E 185 -6.47 9.57 -40.30
CA ARG E 185 -5.37 8.61 -40.31
C ARG E 185 -4.10 9.32 -39.82
N TYR E 186 -3.10 8.54 -39.40
CA TYR E 186 -1.87 9.09 -38.84
C TYR E 186 -0.62 8.83 -39.67
N ALA E 187 0.38 9.68 -39.44
CA ALA E 187 1.71 9.62 -40.03
C ALA E 187 2.72 9.79 -38.90
N LEU E 188 3.77 8.96 -38.90
CA LEU E 188 4.83 8.97 -37.89
C LEU E 188 6.19 8.88 -38.59
N SER E 189 7.14 9.73 -38.19
CA SER E 189 8.47 9.75 -38.77
C SER E 189 9.55 9.38 -37.75
N SER E 190 10.63 8.76 -38.26
CA SER E 190 11.80 8.37 -37.48
C SER E 190 13.06 8.58 -38.28
N ARG E 191 14.16 8.89 -37.59
CA ARG E 191 15.46 9.12 -38.22
C ARG E 191 16.51 8.19 -37.63
N LEU E 192 17.44 7.73 -38.48
CA LEU E 192 18.56 6.91 -38.08
C LEU E 192 19.82 7.56 -38.68
N ARG E 193 20.69 8.08 -37.81
CA ARG E 193 21.92 8.72 -38.26
C ARG E 193 23.13 7.82 -38.03
N VAL E 194 23.87 7.57 -39.11
CA VAL E 194 25.07 6.74 -39.15
C VAL E 194 26.22 7.60 -39.71
N SER E 195 27.47 7.13 -39.62
CA SER E 195 28.60 7.84 -40.20
C SER E 195 28.54 7.63 -41.73
N ALA E 196 29.09 8.56 -42.51
CA ALA E 196 29.10 8.48 -43.98
C ALA E 196 29.70 7.15 -44.47
N THR E 197 30.82 6.72 -43.84
CA THR E 197 31.53 5.46 -44.16
C THR E 197 30.65 4.22 -43.92
N PHE E 198 29.77 4.27 -42.90
CA PHE E 198 28.85 3.17 -42.59
C PHE E 198 27.75 3.06 -43.65
N TRP E 199 27.18 4.20 -44.08
CA TRP E 199 26.16 4.20 -45.13
C TRP E 199 26.78 3.89 -46.51
N GLN E 200 28.05 4.26 -46.74
CA GLN E 200 28.74 4.02 -48.00
C GLN E 200 29.08 2.53 -48.24
N ASN E 201 29.13 1.71 -47.18
CA ASN E 201 29.42 0.27 -47.28
C ASN E 201 28.18 -0.48 -47.82
N PRO E 202 28.26 -1.14 -49.01
CA PRO E 202 27.09 -1.83 -49.57
C PRO E 202 26.71 -3.15 -48.89
N ARG E 203 27.53 -3.61 -47.92
CA ARG E 203 27.29 -4.85 -47.18
C ARG E 203 26.33 -4.61 -45.99
N ASN E 204 26.11 -3.32 -45.65
CA ASN E 204 25.23 -2.91 -44.56
C ASN E 204 23.77 -2.85 -44.97
N HIS E 205 22.89 -3.49 -44.17
CA HIS E 205 21.45 -3.57 -44.37
C HIS E 205 20.73 -2.74 -43.29
N PHE E 206 19.81 -1.86 -43.73
CA PHE E 206 19.02 -0.97 -42.87
C PHE E 206 17.54 -1.26 -43.07
N ARG E 207 16.81 -1.54 -41.98
CA ARG E 207 15.39 -1.86 -42.04
C ARG E 207 14.56 -1.08 -41.01
N CYS E 208 13.48 -0.45 -41.48
CA CYS E 208 12.54 0.24 -40.61
C CYS E 208 11.33 -0.67 -40.44
N GLN E 209 11.08 -1.11 -39.20
CA GLN E 209 9.98 -2.01 -38.88
C GLN E 209 8.89 -1.27 -38.09
N VAL E 210 7.63 -1.46 -38.49
CA VAL E 210 6.48 -0.89 -37.79
C VAL E 210 5.51 -2.00 -37.43
N GLN E 211 5.37 -2.28 -36.12
CA GLN E 211 4.39 -3.24 -35.62
C GLN E 211 3.09 -2.46 -35.46
N PHE E 212 2.02 -2.93 -36.11
CA PHE E 212 0.71 -2.31 -36.05
C PHE E 212 -0.24 -3.22 -35.32
N TYR E 213 -1.08 -2.63 -34.45
CA TYR E 213 -2.07 -3.37 -33.68
C TYR E 213 -3.44 -2.99 -34.23
N GLY E 214 -4.13 -3.98 -34.77
CA GLY E 214 -5.44 -3.79 -35.35
C GLY E 214 -6.39 -4.91 -35.01
N LEU E 215 -6.99 -5.50 -36.05
CA LEU E 215 -7.95 -6.59 -35.94
C LEU E 215 -7.28 -7.96 -35.80
N SER E 216 -8.04 -8.93 -35.28
CA SER E 216 -7.60 -10.31 -35.11
C SER E 216 -8.37 -11.17 -36.11
N GLU E 217 -8.07 -12.48 -36.17
CA GLU E 217 -8.78 -13.41 -37.07
C GLU E 217 -10.24 -13.63 -36.63
N ASN E 218 -10.52 -13.42 -35.32
CA ASN E 218 -11.84 -13.53 -34.70
C ASN E 218 -12.81 -12.47 -35.25
N ASP E 219 -12.27 -11.29 -35.62
CA ASP E 219 -13.02 -10.17 -36.18
C ASP E 219 -13.52 -10.46 -37.59
N GLU E 220 -14.79 -10.12 -37.87
CA GLU E 220 -15.46 -10.27 -39.16
C GLU E 220 -14.97 -9.15 -40.10
N TRP E 221 -14.89 -9.44 -41.43
CA TRP E 221 -14.49 -8.45 -42.44
C TRP E 221 -15.09 -8.85 -43.79
N THR E 222 -15.99 -7.99 -44.31
CA THR E 222 -16.67 -8.22 -45.58
C THR E 222 -16.38 -7.14 -46.62
N GLN E 223 -15.51 -6.18 -46.28
CA GLN E 223 -15.10 -5.09 -47.18
C GLN E 223 -14.11 -5.56 -48.26
N ASP E 224 -14.08 -4.85 -49.40
CA ASP E 224 -13.24 -5.15 -50.57
C ASP E 224 -11.74 -5.13 -50.25
N ARG E 225 -11.28 -4.15 -49.44
CA ARG E 225 -9.87 -4.06 -49.04
C ARG E 225 -9.51 -5.15 -48.02
N ALA E 226 -8.22 -5.50 -47.93
CA ALA E 226 -7.69 -6.53 -47.02
C ALA E 226 -7.99 -6.21 -45.56
N LYS E 227 -8.31 -7.25 -44.76
CA LYS E 227 -8.62 -7.13 -43.32
C LYS E 227 -7.48 -6.39 -42.59
N PRO E 228 -7.77 -5.29 -41.85
CA PRO E 228 -6.69 -4.56 -41.17
C PRO E 228 -6.21 -5.24 -39.89
N VAL E 229 -5.59 -6.42 -40.06
CA VAL E 229 -5.07 -7.26 -38.97
C VAL E 229 -3.83 -6.67 -38.32
N THR E 230 -3.50 -7.15 -37.10
CA THR E 230 -2.28 -6.83 -36.37
C THR E 230 -1.16 -7.38 -37.26
N GLN E 231 -0.24 -6.51 -37.70
CA GLN E 231 0.82 -6.90 -38.63
C GLN E 231 2.08 -6.05 -38.55
N ILE E 232 3.18 -6.59 -39.10
CA ILE E 232 4.46 -5.93 -39.23
C ILE E 232 4.58 -5.43 -40.68
N VAL E 233 4.86 -4.12 -40.86
CA VAL E 233 5.04 -3.51 -42.18
C VAL E 233 6.45 -2.91 -42.17
N SER E 234 7.29 -3.33 -43.14
CA SER E 234 8.68 -2.90 -43.23
C SER E 234 9.07 -2.25 -44.55
N ALA E 235 10.19 -1.49 -44.52
CA ALA E 235 10.85 -0.84 -45.64
C ALA E 235 12.35 -0.96 -45.41
N GLU E 236 13.08 -1.45 -46.41
CA GLU E 236 14.53 -1.70 -46.30
C GLU E 236 15.38 -0.95 -47.32
N ALA E 237 16.69 -0.84 -47.02
CA ALA E 237 17.70 -0.21 -47.85
C ALA E 237 19.07 -0.77 -47.55
N TRP E 238 19.94 -0.80 -48.57
CA TRP E 238 21.32 -1.27 -48.47
C TRP E 238 22.25 -0.08 -48.66
N GLY E 239 23.48 -0.22 -48.18
CA GLY E 239 24.51 0.80 -48.28
C GLY E 239 24.80 1.24 -49.70
N ARG E 240 25.04 2.55 -49.89
CA ARG E 240 25.28 3.14 -51.20
C ARG E 240 26.62 3.90 -51.25
N ALA E 241 27.58 3.34 -52.00
CA ALA E 241 28.91 3.93 -52.19
C ALA E 241 28.84 5.18 -53.07
N ASP E 242 28.13 5.10 -54.22
CA ASP E 242 27.90 6.14 -55.23
C ASP E 242 29.19 6.81 -55.75
C1 EDO F . -9.77 -15.83 6.74
O1 EDO F . -8.40 -15.95 7.08
C2 EDO F . -9.90 -15.45 5.27
O2 EDO F . -11.22 -15.06 4.99
NA NA G . 2.52 -28.19 15.16
P PO4 H . 2.97 -30.68 12.78
O1 PO4 H . 3.72 -29.41 13.41
O2 PO4 H . 3.64 -31.08 11.45
O3 PO4 H . 1.43 -30.34 12.52
O4 PO4 H . 3.07 -31.89 13.82
P PO4 I . 23.21 5.96 -20.14
O1 PO4 I . 22.79 7.26 -20.97
O2 PO4 I . 23.51 6.37 -18.63
O3 PO4 I . 24.49 5.33 -20.75
O4 PO4 I . 22.02 4.89 -20.18
P PO4 J . 22.24 6.92 -13.92
O1 PO4 J . 23.23 7.06 -15.10
O2 PO4 J . 22.67 7.87 -12.72
O3 PO4 J . 20.77 7.33 -14.41
O4 PO4 J . 22.23 5.40 -13.41
P PO4 K . -22.41 2.30 -17.24
O1 PO4 K . -20.92 2.83 -17.48
O2 PO4 K . -22.53 0.82 -17.66
O3 PO4 K . -23.41 3.19 -18.11
O4 PO4 K . -22.77 2.44 -15.68
P PO4 L . 22.28 0.29 -29.62
O1 PO4 L . 22.07 0.92 -31.07
O2 PO4 L . 22.30 1.46 -28.52
O3 PO4 L . 23.62 -0.49 -29.58
O4 PO4 L . 21.08 -0.73 -29.30
#